data_7Y2P
# 
_entry.id   7Y2P 
# 
_audit_conform.dict_name       mmcif_pdbx.dic 
_audit_conform.dict_version    5.380 
_audit_conform.dict_location   http://mmcif.pdb.org/dictionaries/ascii/mmcif_pdbx.dic 
# 
loop_
_database_2.database_id 
_database_2.database_code 
_database_2.pdbx_database_accession 
_database_2.pdbx_DOI 
PDB   7Y2P         pdb_00007y2p 10.2210/pdb7y2p/pdb 
WWPDB D_1300030126 ?            ?                   
# 
_pdbx_database_status.status_code                     REL 
_pdbx_database_status.status_code_sf                  REL 
_pdbx_database_status.status_code_mr                  ? 
_pdbx_database_status.entry_id                        7Y2P 
_pdbx_database_status.recvd_initial_deposition_date   2022-06-09 
_pdbx_database_status.SG_entry                        N 
_pdbx_database_status.deposit_site                    PDBJ 
_pdbx_database_status.process_site                    PDBJ 
_pdbx_database_status.status_code_cs                  ? 
_pdbx_database_status.status_code_nmr_data            ? 
_pdbx_database_status.methods_development_category    ? 
_pdbx_database_status.pdb_format_compatible           Y 
# 
loop_
_audit_author.name 
_audit_author.pdbx_ordinal 
_audit_author.identifier_ORCID 
'Wang, S.C.'    1 ? 
'Satange, R.B.' 2 ? 
'Hou, M.H.'     3 ? 
# 
_citation.abstract                  ? 
_citation.abstract_id_CAS           ? 
_citation.book_id_ISBN              ? 
_citation.book_publisher            ? 
_citation.book_publisher_city       ? 
_citation.book_title                ? 
_citation.coordinate_linkage        ? 
_citation.country                   US 
_citation.database_id_Medline       ? 
_citation.details                   ? 
_citation.id                        primary 
_citation.journal_abbrev            J.Biol.Chem. 
_citation.journal_id_ASTM           JBCHA3 
_citation.journal_id_CSD            0071 
_citation.journal_id_ISSN           1083-351X 
_citation.journal_full              ? 
_citation.journal_issue             ? 
_citation.journal_volume            299 
_citation.language                  ? 
_citation.page_first                104864 
_citation.page_last                 104864 
_citation.title                     
'Structural basis for water modulating RNA duplex formation in the CUG repeats of myotonic dystrophy type 1.' 
_citation.year                      2023 
_citation.database_id_CSD           ? 
_citation.pdbx_database_id_DOI      10.1016/j.jbc.2023.104864 
_citation.pdbx_database_id_PubMed   37245780 
_citation.pdbx_database_id_patent   ? 
_citation.unpublished_flag          ? 
# 
loop_
_citation_author.citation_id 
_citation_author.name 
_citation_author.ordinal 
_citation_author.identifier_ORCID 
primary 'Wang, S.C.'  1 ? 
primary 'Chen, Y.T.'  2 ? 
primary 'Satange, R.' 3 ? 
primary 'Chu, J.W.'   4 ? 
primary 'Hou, M.H.'   5 ? 
# 
_cell.angle_alpha                  90.000 
_cell.angle_alpha_esd              ? 
_cell.angle_beta                   90.000 
_cell.angle_beta_esd               ? 
_cell.angle_gamma                  120.000 
_cell.angle_gamma_esd              ? 
_cell.entry_id                     7Y2P 
_cell.details                      ? 
_cell.formula_units_Z              ? 
_cell.length_a                     49.228 
_cell.length_a_esd                 ? 
_cell.length_b                     49.228 
_cell.length_b_esd                 ? 
_cell.length_c                     35.802 
_cell.length_c_esd                 ? 
_cell.volume                       ? 
_cell.volume_esd                   ? 
_cell.Z_PDB                        3 
_cell.reciprocal_angle_alpha       ? 
_cell.reciprocal_angle_beta        ? 
_cell.reciprocal_angle_gamma       ? 
_cell.reciprocal_angle_alpha_esd   ? 
_cell.reciprocal_angle_beta_esd    ? 
_cell.reciprocal_angle_gamma_esd   ? 
_cell.reciprocal_length_a          ? 
_cell.reciprocal_length_b          ? 
_cell.reciprocal_length_c          ? 
_cell.reciprocal_length_a_esd      ? 
_cell.reciprocal_length_b_esd      ? 
_cell.reciprocal_length_c_esd      ? 
_cell.pdbx_unique_axis             ? 
_cell.pdbx_esd_method              ? 
# 
_symmetry.entry_id                         7Y2P 
_symmetry.cell_setting                     ? 
_symmetry.Int_Tables_number                145 
_symmetry.space_group_name_Hall            ? 
_symmetry.space_group_name_H-M             'P 32' 
_symmetry.pdbx_full_space_group_name_H-M   ? 
# 
loop_
_entity.id 
_entity.type 
_entity.src_method 
_entity.pdbx_description 
_entity.formula_weight 
_entity.pdbx_number_of_molecules 
_entity.pdbx_ec 
_entity.pdbx_mutation 
_entity.pdbx_fragment 
_entity.details 
1 polymer syn 
;RNA (5'-R(P*UP*UP*CP*UP*GP*CP*UP*GP*CP*UP*GP*AP*A)-3')
;
4095.445 1   ? ? ? ? 
2 polymer syn 
;RNA (5'-R(P*UP*UP*CP*UP*GP*CP*AP*GP*CP*UP*GP*AP*A)-3')
;
4118.485 1   ? ? ? ? 
3 water   nat water                                                    18.015   113 ? ? ? ? 
# 
loop_
_entity_poly.entity_id 
_entity_poly.type 
_entity_poly.nstd_linkage 
_entity_poly.nstd_monomer 
_entity_poly.pdbx_seq_one_letter_code 
_entity_poly.pdbx_seq_one_letter_code_can 
_entity_poly.pdbx_strand_id 
_entity_poly.pdbx_target_identifier 
1 polyribonucleotide no no UUCUGCUGCUGAA UUCUGCUGCUGAA A ? 
2 polyribonucleotide no no UUCUGCAGCUGAA UUCUGCAGCUGAA B ? 
# 
loop_
_entity_poly_seq.entity_id 
_entity_poly_seq.num 
_entity_poly_seq.mon_id 
_entity_poly_seq.hetero 
1 1  U n 
1 2  U n 
1 3  C n 
1 4  U n 
1 5  G n 
1 6  C n 
1 7  U n 
1 8  G n 
1 9  C n 
1 10 U n 
1 11 G n 
1 12 A n 
1 13 A n 
2 1  U n 
2 2  U n 
2 3  C n 
2 4  U n 
2 5  G n 
2 6  C n 
2 7  A n 
2 8  G n 
2 9  C n 
2 10 U n 
2 11 G n 
2 12 A n 
2 13 A n 
# 
loop_
_pdbx_entity_src_syn.entity_id 
_pdbx_entity_src_syn.pdbx_src_id 
_pdbx_entity_src_syn.pdbx_alt_source_flag 
_pdbx_entity_src_syn.pdbx_beg_seq_num 
_pdbx_entity_src_syn.pdbx_end_seq_num 
_pdbx_entity_src_syn.organism_scientific 
_pdbx_entity_src_syn.organism_common_name 
_pdbx_entity_src_syn.ncbi_taxonomy_id 
_pdbx_entity_src_syn.details 
1 1 sample 1 13 'synthetic construct' ? 32630 ? 
2 1 sample 1 13 'synthetic construct' ? 32630 ? 
# 
loop_
_struct_ref.id 
_struct_ref.db_name 
_struct_ref.db_code 
_struct_ref.pdbx_db_accession 
_struct_ref.pdbx_db_isoform 
_struct_ref.entity_id 
_struct_ref.pdbx_seq_one_letter_code 
_struct_ref.pdbx_align_begin 
1 PDB 7Y2P 7Y2P ? 1 ? 1 
2 PDB 7Y2P 7Y2P ? 2 ? 1 
# 
loop_
_struct_ref_seq.align_id 
_struct_ref_seq.ref_id 
_struct_ref_seq.pdbx_PDB_id_code 
_struct_ref_seq.pdbx_strand_id 
_struct_ref_seq.seq_align_beg 
_struct_ref_seq.pdbx_seq_align_beg_ins_code 
_struct_ref_seq.seq_align_end 
_struct_ref_seq.pdbx_seq_align_end_ins_code 
_struct_ref_seq.pdbx_db_accession 
_struct_ref_seq.db_align_beg 
_struct_ref_seq.pdbx_db_align_beg_ins_code 
_struct_ref_seq.db_align_end 
_struct_ref_seq.pdbx_db_align_end_ins_code 
_struct_ref_seq.pdbx_auth_seq_align_beg 
_struct_ref_seq.pdbx_auth_seq_align_end 
1 1 7Y2P A 1 ? 13 ? 7Y2P 1 ? 13 ? 1 13 
2 2 7Y2P B 1 ? 13 ? 7Y2P 1 ? 13 ? 1 13 
# 
loop_
_chem_comp.id 
_chem_comp.type 
_chem_comp.mon_nstd_flag 
_chem_comp.name 
_chem_comp.pdbx_synonyms 
_chem_comp.formula 
_chem_comp.formula_weight 
A   'RNA linking' y "ADENOSINE-5'-MONOPHOSPHATE" ? 'C10 H14 N5 O7 P' 347.221 
C   'RNA linking' y "CYTIDINE-5'-MONOPHOSPHATE"  ? 'C9 H14 N3 O8 P'  323.197 
G   'RNA linking' y "GUANOSINE-5'-MONOPHOSPHATE" ? 'C10 H14 N5 O8 P' 363.221 
HOH non-polymer   . WATER                        ? 'H2 O'            18.015  
U   'RNA linking' y "URIDINE-5'-MONOPHOSPHATE"   ? 'C9 H13 N2 O9 P'  324.181 
# 
_exptl.absorpt_coefficient_mu     ? 
_exptl.absorpt_correction_T_max   ? 
_exptl.absorpt_correction_T_min   ? 
_exptl.absorpt_correction_type    ? 
_exptl.absorpt_process_details    ? 
_exptl.entry_id                   7Y2P 
_exptl.crystals_number            1 
_exptl.details                    ? 
_exptl.method                     'X-RAY DIFFRACTION' 
_exptl.method_details             ? 
# 
_exptl_crystal.colour                       ? 
_exptl_crystal.density_diffrn               ? 
_exptl_crystal.density_Matthews             3.05 
_exptl_crystal.density_method               ? 
_exptl_crystal.density_percent_sol          59.66 
_exptl_crystal.description                  ? 
_exptl_crystal.F_000                        ? 
_exptl_crystal.id                           1 
_exptl_crystal.preparation                  ? 
_exptl_crystal.size_max                     ? 
_exptl_crystal.size_mid                     ? 
_exptl_crystal.size_min                     ? 
_exptl_crystal.size_rad                     ? 
_exptl_crystal.colour_lustre                ? 
_exptl_crystal.colour_modifier              ? 
_exptl_crystal.colour_primary               ? 
_exptl_crystal.density_meas                 ? 
_exptl_crystal.density_meas_esd             ? 
_exptl_crystal.density_meas_gt              ? 
_exptl_crystal.density_meas_lt              ? 
_exptl_crystal.density_meas_temp            ? 
_exptl_crystal.density_meas_temp_esd        ? 
_exptl_crystal.density_meas_temp_gt         ? 
_exptl_crystal.density_meas_temp_lt         ? 
_exptl_crystal.pdbx_crystal_image_url       ? 
_exptl_crystal.pdbx_crystal_image_format    ? 
_exptl_crystal.pdbx_mosaicity               ? 
_exptl_crystal.pdbx_mosaicity_esd           ? 
_exptl_crystal.pdbx_mosaic_method           ? 
_exptl_crystal.pdbx_mosaic_block_size       ? 
_exptl_crystal.pdbx_mosaic_block_size_esd   ? 
# 
_exptl_crystal_grow.apparatus       ? 
_exptl_crystal_grow.atmosphere      ? 
_exptl_crystal_grow.crystal_id      1 
_exptl_crystal_grow.details         ? 
_exptl_crystal_grow.method          'VAPOR DIFFUSION, SITTING DROP' 
_exptl_crystal_grow.method_ref      ? 
_exptl_crystal_grow.pH              6.5 
_exptl_crystal_grow.pressure        ? 
_exptl_crystal_grow.pressure_esd    ? 
_exptl_crystal_grow.seeding         ? 
_exptl_crystal_grow.seeding_ref     ? 
_exptl_crystal_grow.temp            277 
_exptl_crystal_grow.temp_details    ? 
_exptl_crystal_grow.temp_esd        ? 
_exptl_crystal_grow.time            ? 
_exptl_crystal_grow.pdbx_details    '0.4 mM Oligonucleotide, 50 mM HEPES pH 6.5, 0.5 mM Spermine tetrahydrochloride, 10% MPD' 
_exptl_crystal_grow.pdbx_pH_range   ? 
# 
_diffrn.ambient_environment              ? 
_diffrn.ambient_temp                     100 
_diffrn.ambient_temp_details             ? 
_diffrn.ambient_temp_esd                 ? 
_diffrn.crystal_id                       1 
_diffrn.crystal_support                  ? 
_diffrn.crystal_treatment                ? 
_diffrn.details                          ? 
_diffrn.id                               1 
_diffrn.ambient_pressure                 ? 
_diffrn.ambient_pressure_esd             ? 
_diffrn.ambient_pressure_gt              ? 
_diffrn.ambient_pressure_lt              ? 
_diffrn.ambient_temp_gt                  ? 
_diffrn.ambient_temp_lt                  ? 
_diffrn.pdbx_serial_crystal_experiment   N 
# 
_diffrn_detector.details                      ? 
_diffrn_detector.detector                     CCD 
_diffrn_detector.diffrn_id                    1 
_diffrn_detector.type                         'RAYONIX MX300HE' 
_diffrn_detector.area_resol_mean              ? 
_diffrn_detector.dtime                        ? 
_diffrn_detector.pdbx_frames_total            ? 
_diffrn_detector.pdbx_collection_time_total   ? 
_diffrn_detector.pdbx_collection_date         2021-11-22 
_diffrn_detector.pdbx_frequency               ? 
# 
_diffrn_radiation.collimation                      ? 
_diffrn_radiation.diffrn_id                        1 
_diffrn_radiation.filter_edge                      ? 
_diffrn_radiation.inhomogeneity                    ? 
_diffrn_radiation.monochromator                    ? 
_diffrn_radiation.polarisn_norm                    ? 
_diffrn_radiation.polarisn_ratio                   ? 
_diffrn_radiation.probe                            ? 
_diffrn_radiation.type                             ? 
_diffrn_radiation.xray_symbol                      ? 
_diffrn_radiation.wavelength_id                    1 
_diffrn_radiation.pdbx_monochromatic_or_laue_m_l   M 
_diffrn_radiation.pdbx_wavelength_list             ? 
_diffrn_radiation.pdbx_wavelength                  ? 
_diffrn_radiation.pdbx_diffrn_protocol             'SINGLE WAVELENGTH' 
_diffrn_radiation.pdbx_analyzer                    ? 
_diffrn_radiation.pdbx_scattering_type             x-ray 
# 
_diffrn_radiation_wavelength.id           1 
_diffrn_radiation_wavelength.wavelength   1.00000 
_diffrn_radiation_wavelength.wt           1.0 
# 
_diffrn_source.current                     ? 
_diffrn_source.details                     ? 
_diffrn_source.diffrn_id                   1 
_diffrn_source.power                       ? 
_diffrn_source.size                        ? 
_diffrn_source.source                      SYNCHROTRON 
_diffrn_source.target                      ? 
_diffrn_source.type                        'NSRRC BEAMLINE BL15A1' 
_diffrn_source.voltage                     ? 
_diffrn_source.take-off_angle              ? 
_diffrn_source.pdbx_wavelength_list        1.00000 
_diffrn_source.pdbx_wavelength             ? 
_diffrn_source.pdbx_synchrotron_beamline   BL15A1 
_diffrn_source.pdbx_synchrotron_site       NSRRC 
# 
_reflns.B_iso_Wilson_estimate                          ? 
_reflns.entry_id                                       7Y2P 
_reflns.data_reduction_details                         ? 
_reflns.data_reduction_method                          ? 
_reflns.d_resolution_high                              1.580 
_reflns.d_resolution_low                               30.000 
_reflns.details                                        ? 
_reflns.limit_h_max                                    ? 
_reflns.limit_h_min                                    ? 
_reflns.limit_k_max                                    ? 
_reflns.limit_k_min                                    ? 
_reflns.limit_l_max                                    ? 
_reflns.limit_l_min                                    ? 
_reflns.number_all                                     ? 
_reflns.number_obs                                     12483 
_reflns.observed_criterion                             ? 
_reflns.observed_criterion_F_max                       ? 
_reflns.observed_criterion_F_min                       ? 
_reflns.observed_criterion_I_max                       ? 
_reflns.observed_criterion_I_min                       ? 
_reflns.observed_criterion_sigma_F                     ? 
_reflns.observed_criterion_sigma_I                     ? 
_reflns.percent_possible_obs                           94.000 
_reflns.R_free_details                                 ? 
_reflns.Rmerge_F_all                                   ? 
_reflns.Rmerge_F_obs                                   ? 
_reflns.Friedel_coverage                               ? 
_reflns.number_gt                                      ? 
_reflns.threshold_expression                           ? 
_reflns.pdbx_redundancy                                10.100 
_reflns.pdbx_Rmerge_I_obs                              0.049 
_reflns.pdbx_Rmerge_I_all                              ? 
_reflns.pdbx_Rsym_value                                ? 
_reflns.pdbx_netI_over_av_sigmaI                       ? 
_reflns.pdbx_netI_over_sigmaI                          23.400 
_reflns.pdbx_res_netI_over_av_sigmaI_2                 ? 
_reflns.pdbx_res_netI_over_sigmaI_2                    ? 
_reflns.pdbx_chi_squared                               1.052 
_reflns.pdbx_scaling_rejects                           ? 
_reflns.pdbx_d_res_high_opt                            ? 
_reflns.pdbx_d_res_low_opt                             ? 
_reflns.pdbx_d_res_opt_method                          ? 
_reflns.phase_calculation_details                      ? 
_reflns.pdbx_Rrim_I_all                                0.051 
_reflns.pdbx_Rpim_I_all                                0.017 
_reflns.pdbx_d_opt                                     ? 
_reflns.pdbx_number_measured_all                       126315 
_reflns.pdbx_diffrn_id                                 1 
_reflns.pdbx_ordinal                                   1 
_reflns.pdbx_CC_half                                   ? 
_reflns.pdbx_CC_star                                   ? 
_reflns.pdbx_R_split                                   ? 
_reflns.pdbx_aniso_diffraction_limit_axis_1_ortho[1]   ? 
_reflns.pdbx_aniso_diffraction_limit_axis_1_ortho[2]   ? 
_reflns.pdbx_aniso_diffraction_limit_axis_1_ortho[3]   ? 
_reflns.pdbx_aniso_diffraction_limit_axis_2_ortho[1]   ? 
_reflns.pdbx_aniso_diffraction_limit_axis_2_ortho[2]   ? 
_reflns.pdbx_aniso_diffraction_limit_axis_2_ortho[3]   ? 
_reflns.pdbx_aniso_diffraction_limit_axis_3_ortho[1]   ? 
_reflns.pdbx_aniso_diffraction_limit_axis_3_ortho[2]   ? 
_reflns.pdbx_aniso_diffraction_limit_axis_3_ortho[3]   ? 
_reflns.pdbx_aniso_diffraction_limit_1                 ? 
_reflns.pdbx_aniso_diffraction_limit_2                 ? 
_reflns.pdbx_aniso_diffraction_limit_3                 ? 
_reflns.pdbx_aniso_B_tensor_eigenvector_1_ortho[1]     ? 
_reflns.pdbx_aniso_B_tensor_eigenvector_1_ortho[2]     ? 
_reflns.pdbx_aniso_B_tensor_eigenvector_1_ortho[3]     ? 
_reflns.pdbx_aniso_B_tensor_eigenvector_2_ortho[1]     ? 
_reflns.pdbx_aniso_B_tensor_eigenvector_2_ortho[2]     ? 
_reflns.pdbx_aniso_B_tensor_eigenvector_2_ortho[3]     ? 
_reflns.pdbx_aniso_B_tensor_eigenvector_3_ortho[1]     ? 
_reflns.pdbx_aniso_B_tensor_eigenvector_3_ortho[2]     ? 
_reflns.pdbx_aniso_B_tensor_eigenvector_3_ortho[3]     ? 
_reflns.pdbx_aniso_B_tensor_eigenvalue_1               ? 
_reflns.pdbx_aniso_B_tensor_eigenvalue_2               ? 
_reflns.pdbx_aniso_B_tensor_eigenvalue_3               ? 
_reflns.pdbx_orthogonalization_convention              ? 
_reflns.pdbx_percent_possible_ellipsoidal              ? 
_reflns.pdbx_percent_possible_spherical                ? 
_reflns.pdbx_percent_possible_ellipsoidal_anomalous    ? 
_reflns.pdbx_percent_possible_spherical_anomalous      ? 
_reflns.pdbx_redundancy_anomalous                      ? 
_reflns.pdbx_CC_half_anomalous                         ? 
_reflns.pdbx_absDiff_over_sigma_anomalous              ? 
_reflns.pdbx_percent_possible_anomalous                ? 
_reflns.pdbx_observed_signal_threshold                 ? 
_reflns.pdbx_signal_type                               ? 
_reflns.pdbx_signal_details                            ? 
_reflns.pdbx_signal_software_id                        ? 
_reflns.pdbx_CC_split_method                           ? 
# 
loop_
_reflns_shell.d_res_high 
_reflns_shell.d_res_low 
_reflns_shell.meanI_over_sigI_all 
_reflns_shell.meanI_over_sigI_obs 
_reflns_shell.number_measured_all 
_reflns_shell.number_measured_obs 
_reflns_shell.number_possible 
_reflns_shell.number_unique_all 
_reflns_shell.number_unique_obs 
_reflns_shell.percent_possible_all 
_reflns_shell.percent_possible_obs 
_reflns_shell.Rmerge_F_all 
_reflns_shell.Rmerge_F_obs 
_reflns_shell.Rmerge_I_all 
_reflns_shell.Rmerge_I_obs 
_reflns_shell.meanI_over_sigI_gt 
_reflns_shell.meanI_over_uI_all 
_reflns_shell.meanI_over_uI_gt 
_reflns_shell.number_measured_gt 
_reflns_shell.number_unique_gt 
_reflns_shell.percent_possible_gt 
_reflns_shell.Rmerge_F_gt 
_reflns_shell.Rmerge_I_gt 
_reflns_shell.pdbx_redundancy 
_reflns_shell.pdbx_Rsym_value 
_reflns_shell.pdbx_chi_squared 
_reflns_shell.pdbx_netI_over_sigmaI_all 
_reflns_shell.pdbx_netI_over_sigmaI_obs 
_reflns_shell.pdbx_Rrim_I_all 
_reflns_shell.pdbx_Rpim_I_all 
_reflns_shell.pdbx_rejects 
_reflns_shell.pdbx_ordinal 
_reflns_shell.pdbx_diffrn_id 
_reflns_shell.pdbx_CC_half 
_reflns_shell.pdbx_CC_star 
_reflns_shell.pdbx_R_split 
_reflns_shell.pdbx_percent_possible_ellipsoidal 
_reflns_shell.pdbx_percent_possible_spherical 
_reflns_shell.pdbx_percent_possible_ellipsoidal_anomalous 
_reflns_shell.pdbx_percent_possible_spherical_anomalous 
_reflns_shell.pdbx_redundancy_anomalous 
_reflns_shell.pdbx_CC_half_anomalous 
_reflns_shell.pdbx_absDiff_over_sigma_anomalous 
_reflns_shell.pdbx_percent_possible_anomalous 
1.580 1.640  ? ? ? ? ? ? 1342 100.000 ? ? ? ? 0.398 ? ? ? ? ? ? ? ? 10.800 ? 1.091 ? ? 0.418 0.127 ? 1  1 0.983 ? ? ? ? ? ? ? ? ? 
? 
1.640 1.700  ? ? ? ? ? ? 1310 100.000 ? ? ? ? 0.246 ? ? ? ? ? ? ? ? 10.900 ? 1.088 ? ? 0.258 0.079 ? 2  1 0.994 ? ? ? ? ? ? ? ? ? 
? 
1.700 1.780  ? ? ? ? ? ? 1323 100.000 ? ? ? ? 0.194 ? ? ? ? ? ? ? ? 11.000 ? 1.071 ? ? 0.204 0.062 ? 3  1 0.992 ? ? ? ? ? ? ? ? ? 
? 
1.780 1.870  ? ? ? ? ? ? 1333 99.900  ? ? ? ? 0.164 ? ? ? ? ? ? ? ? 11.000 ? 1.023 ? ? 0.172 0.052 ? 4  1 0.993 ? ? ? ? ? ? ? ? ? 
? 
1.870 1.990  ? ? ? ? ? ? 1009 77.100  ? ? ? ? 0.117 ? ? ? ? ? ? ? ? 8.600  ? 1.089 ? ? 0.126 0.045 ? 5  1 0.990 ? ? ? ? ? ? ? ? ? 
? 
1.990 2.140  ? ? ? ? ? ? 1337 100.000 ? ? ? ? 0.085 ? ? ? ? ? ? ? ? 10.700 ? 1.059 ? ? 0.089 0.027 ? 6  1 0.998 ? ? ? ? ? ? ? ? ? 
? 
2.140 2.360  ? ? ? ? ? ? 1091 81.600  ? ? ? ? 0.068 ? ? ? ? ? ? ? ? 9.100  ? 1.036 ? ? 0.073 0.026 ? 7  1 0.994 ? ? ? ? ? ? ? ? ? 
? 
2.360 2.700  ? ? ? ? ? ? 1322 100.000 ? ? ? ? 0.050 ? ? ? ? ? ? ? ? 10.500 ? 1.038 ? ? 0.052 0.016 ? 8  1 0.999 ? ? ? ? ? ? ? ? ? 
? 
2.700 3.400  ? ? ? ? ? ? 1329 99.800  ? ? ? ? 0.041 ? ? ? ? ? ? ? ? 9.700  ? 1.005 ? ? 0.043 0.014 ? 9  1 0.999 ? ? ? ? ? ? ? ? ? 
? 
3.400 30.000 ? ? ? ? ? ? 1087 81.700  ? ? ? ? 0.034 ? ? ? ? ? ? ? ? 7.900  ? 1.002 ? ? 0.036 0.012 ? 10 1 0.999 ? ? ? ? ? ? ? ? ? 
? 
# 
_refine.aniso_B[1][1]                            ? 
_refine.aniso_B[1][2]                            ? 
_refine.aniso_B[1][3]                            ? 
_refine.aniso_B[2][2]                            ? 
_refine.aniso_B[2][3]                            ? 
_refine.aniso_B[3][3]                            ? 
_refine.B_iso_max                                63.340 
_refine.B_iso_mean                               28.2375 
_refine.B_iso_min                                17.240 
_refine.correlation_coeff_Fo_to_Fc               ? 
_refine.correlation_coeff_Fo_to_Fc_free          ? 
_refine.details                                  ? 
_refine.diff_density_max                         ? 
_refine.diff_density_max_esd                     ? 
_refine.diff_density_min                         ? 
_refine.diff_density_min_esd                     ? 
_refine.diff_density_rms                         ? 
_refine.diff_density_rms_esd                     ? 
_refine.entry_id                                 7Y2P 
_refine.pdbx_refine_id                           'X-RAY DIFFRACTION' 
_refine.ls_abs_structure_details                 ? 
_refine.ls_abs_structure_Flack                   ? 
_refine.ls_abs_structure_Flack_esd               ? 
_refine.ls_abs_structure_Rogers                  ? 
_refine.ls_abs_structure_Rogers_esd              ? 
_refine.ls_d_res_high                            1.5800 
_refine.ls_d_res_low                             24.6100 
_refine.ls_extinction_coef                       ? 
_refine.ls_extinction_coef_esd                   ? 
_refine.ls_extinction_expression                 ? 
_refine.ls_extinction_method                     ? 
_refine.ls_goodness_of_fit_all                   ? 
_refine.ls_goodness_of_fit_all_esd               ? 
_refine.ls_goodness_of_fit_obs                   ? 
_refine.ls_goodness_of_fit_obs_esd               ? 
_refine.ls_hydrogen_treatment                    ? 
_refine.ls_matrix_type                           ? 
_refine.ls_number_constraints                    ? 
_refine.ls_number_parameters                     ? 
_refine.ls_number_reflns_all                     ? 
_refine.ls_number_reflns_obs                     12365 
_refine.ls_number_reflns_R_free                  1246 
_refine.ls_number_reflns_R_work                  11119 
_refine.ls_number_restraints                     ? 
_refine.ls_percent_reflns_obs                    93.0600 
_refine.ls_percent_reflns_R_free                 10.0800 
_refine.ls_R_factor_all                          ? 
_refine.ls_R_factor_obs                          0.2382 
_refine.ls_R_factor_R_free                       0.2549 
_refine.ls_R_factor_R_free_error                 ? 
_refine.ls_R_factor_R_free_error_details         ? 
_refine.ls_R_factor_R_work                       0.2363 
_refine.ls_R_Fsqd_factor_obs                     ? 
_refine.ls_R_I_factor_obs                        ? 
_refine.ls_redundancy_reflns_all                 ? 
_refine.ls_redundancy_reflns_obs                 ? 
_refine.ls_restrained_S_all                      ? 
_refine.ls_restrained_S_obs                      ? 
_refine.ls_shift_over_esd_max                    ? 
_refine.ls_shift_over_esd_mean                   ? 
_refine.ls_structure_factor_coef                 ? 
_refine.ls_weighting_details                     ? 
_refine.ls_weighting_scheme                      ? 
_refine.ls_wR_factor_all                         ? 
_refine.ls_wR_factor_obs                         ? 
_refine.ls_wR_factor_R_free                      ? 
_refine.ls_wR_factor_R_work                      ? 
_refine.occupancy_max                            ? 
_refine.occupancy_min                            ? 
_refine.solvent_model_details                    'FLAT BULK SOLVENT MODEL' 
_refine.solvent_model_param_bsol                 ? 
_refine.solvent_model_param_ksol                 ? 
_refine.pdbx_R_complete                          ? 
_refine.ls_R_factor_gt                           ? 
_refine.ls_goodness_of_fit_gt                    ? 
_refine.ls_goodness_of_fit_ref                   ? 
_refine.ls_shift_over_su_max                     ? 
_refine.ls_shift_over_su_max_lt                  ? 
_refine.ls_shift_over_su_mean                    ? 
_refine.ls_shift_over_su_mean_lt                 ? 
_refine.pdbx_ls_sigma_I                          ? 
_refine.pdbx_ls_sigma_F                          1.980 
_refine.pdbx_ls_sigma_Fsqd                       ? 
_refine.pdbx_data_cutoff_high_absF               ? 
_refine.pdbx_data_cutoff_high_rms_absF           ? 
_refine.pdbx_data_cutoff_low_absF                ? 
_refine.pdbx_isotropic_thermal_model             ? 
_refine.pdbx_ls_cross_valid_method               THROUGHOUT 
_refine.pdbx_method_to_determine_struct          'MOLECULAR REPLACEMENT' 
_refine.pdbx_starting_model                      7Y2B 
_refine.pdbx_stereochemistry_target_values       ML 
_refine.pdbx_R_Free_selection_details            ? 
_refine.pdbx_stereochem_target_val_spec_case     ? 
_refine.pdbx_overall_ESU_R                       ? 
_refine.pdbx_overall_ESU_R_Free                  ? 
_refine.pdbx_solvent_vdw_probe_radii             1.1100 
_refine.pdbx_solvent_ion_probe_radii             ? 
_refine.pdbx_solvent_shrinkage_radii             0.9000 
_refine.pdbx_real_space_R                        ? 
_refine.pdbx_density_correlation                 ? 
_refine.pdbx_pd_number_of_powder_patterns        ? 
_refine.pdbx_pd_number_of_points                 ? 
_refine.pdbx_pd_meas_number_of_points            ? 
_refine.pdbx_pd_proc_ls_prof_R_factor            ? 
_refine.pdbx_pd_proc_ls_prof_wR_factor           ? 
_refine.pdbx_pd_Marquardt_correlation_coeff      ? 
_refine.pdbx_pd_Fsqrd_R_factor                   ? 
_refine.pdbx_pd_ls_matrix_band_width             ? 
_refine.pdbx_overall_phase_error                 34.4000 
_refine.pdbx_overall_SU_R_free_Cruickshank_DPI   ? 
_refine.pdbx_overall_SU_R_free_Blow_DPI          ? 
_refine.pdbx_overall_SU_R_Blow_DPI               ? 
_refine.pdbx_TLS_residual_ADP_flag               ? 
_refine.pdbx_diffrn_id                           1 
_refine.overall_SU_B                             ? 
_refine.overall_SU_ML                            0.2000 
_refine.overall_SU_R_Cruickshank_DPI             ? 
_refine.overall_SU_R_free                        ? 
_refine.overall_FOM_free_R_set                   ? 
_refine.overall_FOM_work_R_set                   ? 
_refine.pdbx_average_fsc_overall                 ? 
_refine.pdbx_average_fsc_work                    ? 
_refine.pdbx_average_fsc_free                    ? 
# 
_refine_hist.pdbx_refine_id                   'X-RAY DIFFRACTION' 
_refine_hist.cycle_id                         final 
_refine_hist.details                          ? 
_refine_hist.d_res_high                       1.5800 
_refine_hist.d_res_low                        24.6100 
_refine_hist.number_atoms_solvent             113 
_refine_hist.number_atoms_total               663 
_refine_hist.number_reflns_all                ? 
_refine_hist.number_reflns_obs                ? 
_refine_hist.number_reflns_R_free             ? 
_refine_hist.number_reflns_R_work             ? 
_refine_hist.R_factor_all                     ? 
_refine_hist.R_factor_obs                     ? 
_refine_hist.R_factor_R_free                  ? 
_refine_hist.R_factor_R_work                  ? 
_refine_hist.pdbx_number_residues_total       26 
_refine_hist.pdbx_B_iso_mean_ligand           ? 
_refine_hist.pdbx_B_iso_mean_solvent          35.33 
_refine_hist.pdbx_number_atoms_protein        0 
_refine_hist.pdbx_number_atoms_nucleic_acid   550 
_refine_hist.pdbx_number_atoms_ligand         0 
_refine_hist.pdbx_number_atoms_lipid          ? 
_refine_hist.pdbx_number_atoms_carb           ? 
_refine_hist.pdbx_pseudo_atom_details         ? 
# 
loop_
_refine_ls_shell.pdbx_refine_id 
_refine_ls_shell.d_res_high 
_refine_ls_shell.d_res_low 
_refine_ls_shell.number_reflns_all 
_refine_ls_shell.number_reflns_obs 
_refine_ls_shell.number_reflns_R_free 
_refine_ls_shell.number_reflns_R_work 
_refine_ls_shell.percent_reflns_obs 
_refine_ls_shell.percent_reflns_R_free 
_refine_ls_shell.R_factor_all 
_refine_ls_shell.R_factor_obs 
_refine_ls_shell.R_factor_R_free 
_refine_ls_shell.R_factor_R_free_error 
_refine_ls_shell.R_factor_R_work 
_refine_ls_shell.redundancy_reflns_all 
_refine_ls_shell.redundancy_reflns_obs 
_refine_ls_shell.wR_factor_all 
_refine_ls_shell.wR_factor_obs 
_refine_ls_shell.wR_factor_R_free 
_refine_ls_shell.wR_factor_R_work 
_refine_ls_shell.pdbx_R_complete 
_refine_ls_shell.pdbx_total_number_of_bins_used 
_refine_ls_shell.pdbx_phase_error 
_refine_ls_shell.pdbx_fsc_work 
_refine_ls_shell.pdbx_fsc_free 
'X-RAY DIFFRACTION' 1.5800 1.6400  1457 . 148 1309 97.0000  . . . 0.3438 0.0000 0.2670 . . . . . . . 9 . . . 
'X-RAY DIFFRACTION' 1.6400 1.7200  1423 . 144 1279 99.0000  . . . 0.2876 0.0000 0.2478 . . . . . . . 9 . . . 
'X-RAY DIFFRACTION' 1.7200 1.8100  1494 . 137 1357 100.0000 . . . 0.2852 0.0000 0.2489 . . . . . . . 9 . . . 
'X-RAY DIFFRACTION' 1.8100 1.9200  1215 . 122 1093 83.0000  . . . 0.3693 0.0000 0.3726 . . . . . . . 9 . . . 
'X-RAY DIFFRACTION' 1.9300 2.0700  1386 . 139 1247 95.0000  . . . 0.2803 0.0000 0.2871 . . . . . . . 9 . . . 
'X-RAY DIFFRACTION' 2.0700 2.2800  1204 . 115 1089 82.0000  . . . 0.3227 0.0000 0.3036 . . . . . . . 9 . . . 
'X-RAY DIFFRACTION' 2.2800 2.6100  1482 . 158 1324 100.0000 . . . 0.2583 0.0000 0.2549 . . . . . . . 9 . . . 
'X-RAY DIFFRACTION' 2.6100 3.2800  1484 . 158 1326 100.0000 . . . 0.2560 0.0000 0.2154 . . . . . . . 9 . . . 
'X-RAY DIFFRACTION' 3.2900 24.6100 1220 . 125 1095 84.0000  . . . 0.2011 0.0000 0.1858 . . . . . . . 9 . . . 
# 
_struct.entry_id                     7Y2P 
_struct.title                        'Crystal structure of CUG repeat RNA duplex containing A-U base pair and U-U mismatches' 
_struct.pdbx_model_details           ? 
_struct.pdbx_formula_weight          ? 
_struct.pdbx_formula_weight_method   ? 
_struct.pdbx_model_type_details      ? 
_struct.pdbx_CASP_flag               N 
# 
_struct_keywords.entry_id        7Y2P 
_struct_keywords.text            'CUG repeats, Myotonic dystrophy type 1 (DM1), U-U mismatches, RNA, A-U base pair' 
_struct_keywords.pdbx_keywords   RNA 
# 
loop_
_struct_asym.id 
_struct_asym.pdbx_blank_PDB_chainid_flag 
_struct_asym.pdbx_modified 
_struct_asym.entity_id 
_struct_asym.details 
A N N 1 ? 
B N N 2 ? 
C N N 3 ? 
D N N 3 ? 
# 
loop_
_struct_conn.id 
_struct_conn.conn_type_id 
_struct_conn.pdbx_leaving_atom_flag 
_struct_conn.pdbx_PDB_id 
_struct_conn.ptnr1_label_asym_id 
_struct_conn.ptnr1_label_comp_id 
_struct_conn.ptnr1_label_seq_id 
_struct_conn.ptnr1_label_atom_id 
_struct_conn.pdbx_ptnr1_label_alt_id 
_struct_conn.pdbx_ptnr1_PDB_ins_code 
_struct_conn.pdbx_ptnr1_standard_comp_id 
_struct_conn.ptnr1_symmetry 
_struct_conn.ptnr2_label_asym_id 
_struct_conn.ptnr2_label_comp_id 
_struct_conn.ptnr2_label_seq_id 
_struct_conn.ptnr2_label_atom_id 
_struct_conn.pdbx_ptnr2_label_alt_id 
_struct_conn.pdbx_ptnr2_PDB_ins_code 
_struct_conn.ptnr1_auth_asym_id 
_struct_conn.ptnr1_auth_comp_id 
_struct_conn.ptnr1_auth_seq_id 
_struct_conn.ptnr2_auth_asym_id 
_struct_conn.ptnr2_auth_comp_id 
_struct_conn.ptnr2_auth_seq_id 
_struct_conn.ptnr2_symmetry 
_struct_conn.pdbx_ptnr3_label_atom_id 
_struct_conn.pdbx_ptnr3_label_seq_id 
_struct_conn.pdbx_ptnr3_label_comp_id 
_struct_conn.pdbx_ptnr3_label_asym_id 
_struct_conn.pdbx_ptnr3_label_alt_id 
_struct_conn.pdbx_ptnr3_PDB_ins_code 
_struct_conn.details 
_struct_conn.pdbx_dist_value 
_struct_conn.pdbx_value_order 
_struct_conn.pdbx_role 
hydrog1  hydrog ? ? A U 1  N3 ? ? ? 1_555 B A 13 N1 ? ? A U 1  B A 13 1_555 ? ? ? ? ? ? WATSON-CRICK  ? ? ? 
hydrog2  hydrog ? ? A U 1  O4 ? ? ? 1_555 B A 13 N6 ? ? A U 1  B A 13 1_555 ? ? ? ? ? ? WATSON-CRICK  ? ? ? 
hydrog3  hydrog ? ? A U 2  N3 ? ? ? 1_555 B A 12 N1 ? ? A U 2  B A 12 1_555 ? ? ? ? ? ? WATSON-CRICK  ? ? ? 
hydrog4  hydrog ? ? A U 2  O4 ? ? ? 1_555 B A 12 N6 ? ? A U 2  B A 12 1_555 ? ? ? ? ? ? WATSON-CRICK  ? ? ? 
hydrog5  hydrog ? ? A C 3  N3 ? ? ? 1_555 B G 11 N1 ? ? A C 3  B G 11 1_555 ? ? ? ? ? ? WATSON-CRICK  ? ? ? 
hydrog6  hydrog ? ? A C 3  N4 ? ? ? 1_555 B G 11 O6 ? ? A C 3  B G 11 1_555 ? ? ? ? ? ? WATSON-CRICK  ? ? ? 
hydrog7  hydrog ? ? A C 3  O2 ? ? ? 1_555 B G 11 N2 ? ? A C 3  B G 11 1_555 ? ? ? ? ? ? WATSON-CRICK  ? ? ? 
hydrog8  hydrog ? ? A U 4  O4 ? ? ? 1_555 B U 10 N3 ? ? A U 4  B U 10 1_555 ? ? ? ? ? ? 'U-U MISPAIR' ? ? ? 
hydrog9  hydrog ? ? A G 5  N1 ? ? ? 1_555 B C 9  N3 ? ? A G 5  B C 9  1_555 ? ? ? ? ? ? WATSON-CRICK  ? ? ? 
hydrog10 hydrog ? ? A G 5  N2 ? ? ? 1_555 B C 9  O2 ? ? A G 5  B C 9  1_555 ? ? ? ? ? ? WATSON-CRICK  ? ? ? 
hydrog11 hydrog ? ? A G 5  O6 ? ? ? 1_555 B C 9  N4 ? ? A G 5  B C 9  1_555 ? ? ? ? ? ? WATSON-CRICK  ? ? ? 
hydrog12 hydrog ? ? A C 6  N3 ? ? ? 1_555 B G 8  N1 ? ? A C 6  B G 8  1_555 ? ? ? ? ? ? WATSON-CRICK  ? ? ? 
hydrog13 hydrog ? ? A C 6  N4 ? ? ? 1_555 B G 8  O6 ? ? A C 6  B G 8  1_555 ? ? ? ? ? ? WATSON-CRICK  ? ? ? 
hydrog14 hydrog ? ? A C 6  O2 ? ? ? 1_555 B G 8  N2 ? ? A C 6  B G 8  1_555 ? ? ? ? ? ? WATSON-CRICK  ? ? ? 
hydrog15 hydrog ? ? A U 7  N3 ? ? ? 1_555 B A 7  N1 ? ? A U 7  B A 7  1_555 ? ? ? ? ? ? WATSON-CRICK  ? ? ? 
hydrog16 hydrog ? ? A U 7  O4 ? ? ? 1_555 B A 7  N6 ? ? A U 7  B A 7  1_555 ? ? ? ? ? ? WATSON-CRICK  ? ? ? 
hydrog17 hydrog ? ? A G 8  N1 ? ? ? 1_555 B C 6  N3 ? ? A G 8  B C 6  1_555 ? ? ? ? ? ? WATSON-CRICK  ? ? ? 
hydrog18 hydrog ? ? A G 8  N2 ? ? ? 1_555 B C 6  O2 ? ? A G 8  B C 6  1_555 ? ? ? ? ? ? WATSON-CRICK  ? ? ? 
hydrog19 hydrog ? ? A G 8  O6 ? ? ? 1_555 B C 6  N4 ? ? A G 8  B C 6  1_555 ? ? ? ? ? ? WATSON-CRICK  ? ? ? 
hydrog20 hydrog ? ? A C 9  N3 ? ? ? 1_555 B G 5  N1 ? ? A C 9  B G 5  1_555 ? ? ? ? ? ? WATSON-CRICK  ? ? ? 
hydrog21 hydrog ? ? A C 9  N4 ? ? ? 1_555 B G 5  O6 ? ? A C 9  B G 5  1_555 ? ? ? ? ? ? WATSON-CRICK  ? ? ? 
hydrog22 hydrog ? ? A C 9  O2 ? ? ? 1_555 B G 5  N2 ? ? A C 9  B G 5  1_555 ? ? ? ? ? ? WATSON-CRICK  ? ? ? 
hydrog23 hydrog ? ? A U 10 N3 ? ? ? 1_555 B U 4  O4 ? ? A U 10 B U 4  1_555 ? ? ? ? ? ? 'U-U MISPAIR' ? ? ? 
hydrog24 hydrog ? ? A G 11 N1 ? ? ? 1_555 B C 3  N3 ? ? A G 11 B C 3  1_555 ? ? ? ? ? ? WATSON-CRICK  ? ? ? 
hydrog25 hydrog ? ? A G 11 N2 ? ? ? 1_555 B C 3  O2 ? ? A G 11 B C 3  1_555 ? ? ? ? ? ? WATSON-CRICK  ? ? ? 
hydrog26 hydrog ? ? A G 11 O6 ? ? ? 1_555 B C 3  N4 ? ? A G 11 B C 3  1_555 ? ? ? ? ? ? WATSON-CRICK  ? ? ? 
hydrog27 hydrog ? ? A A 12 N1 ? ? ? 1_555 B U 2  N3 ? ? A A 12 B U 2  1_555 ? ? ? ? ? ? WATSON-CRICK  ? ? ? 
hydrog28 hydrog ? ? A A 12 N6 ? ? ? 1_555 B U 2  O4 ? ? A A 12 B U 2  1_555 ? ? ? ? ? ? WATSON-CRICK  ? ? ? 
hydrog29 hydrog ? ? A A 13 N1 ? ? ? 1_555 B U 1  N3 ? ? A A 13 B U 1  1_555 ? ? ? ? ? ? WATSON-CRICK  ? ? ? 
hydrog30 hydrog ? ? A A 13 N6 ? ? ? 1_555 B U 1  O4 ? ? A A 13 B U 1  1_555 ? ? ? ? ? ? WATSON-CRICK  ? ? ? 
# 
_struct_conn_type.id          hydrog 
_struct_conn_type.criteria    ? 
_struct_conn_type.reference   ? 
# 
_atom_sites.entry_id                    7Y2P 
_atom_sites.Cartn_transf_matrix[1][1]   ? 
_atom_sites.Cartn_transf_matrix[1][2]   ? 
_atom_sites.Cartn_transf_matrix[1][3]   ? 
_atom_sites.Cartn_transf_matrix[2][1]   ? 
_atom_sites.Cartn_transf_matrix[2][2]   ? 
_atom_sites.Cartn_transf_matrix[2][3]   ? 
_atom_sites.Cartn_transf_matrix[3][1]   ? 
_atom_sites.Cartn_transf_matrix[3][2]   ? 
_atom_sites.Cartn_transf_matrix[3][3]   ? 
_atom_sites.Cartn_transf_vector[1]      ? 
_atom_sites.Cartn_transf_vector[2]      ? 
_atom_sites.Cartn_transf_vector[3]      ? 
_atom_sites.fract_transf_matrix[1][1]   -0.00897285 
_atom_sites.fract_transf_matrix[1][2]   -0.01916653 
_atom_sites.fract_transf_matrix[1][3]   -0.01011615 
_atom_sites.fract_transf_matrix[2][1]   -0.01542929 
_atom_sites.fract_transf_matrix[2][2]   0.00212734 
_atom_sites.fract_transf_matrix[2][3]   -0.01753840 
_atom_sites.fract_transf_matrix[3][1]   0.02096624 
_atom_sites.fract_transf_matrix[3][2]   -0.00007530 
_atom_sites.fract_transf_matrix[3][3]   -0.01845405 
_atom_sites.fract_transf_vector[1]      0.163957 
_atom_sites.fract_transf_vector[2]      0.333485 
_atom_sites.fract_transf_vector[3]      -0.168496 
_atom_sites.solution_primary            ? 
_atom_sites.solution_secondary          ? 
_atom_sites.solution_hydrogens          ? 
_atom_sites.special_details             ? 
# 
loop_
_atom_type.symbol 
C 
N 
O 
P 
# 
loop_
_atom_site.group_PDB 
_atom_site.id 
_atom_site.type_symbol 
_atom_site.label_atom_id 
_atom_site.label_alt_id 
_atom_site.label_comp_id 
_atom_site.label_asym_id 
_atom_site.label_entity_id 
_atom_site.label_seq_id 
_atom_site.pdbx_PDB_ins_code 
_atom_site.Cartn_x 
_atom_site.Cartn_y 
_atom_site.Cartn_z 
_atom_site.occupancy 
_atom_site.B_iso_or_equiv 
_atom_site.pdbx_formal_charge 
_atom_site.auth_seq_id 
_atom_site.auth_comp_id 
_atom_site.auth_asym_id 
_atom_site.auth_atom_id 
_atom_site.pdbx_PDB_model_num 
ATOM   1   O OP3   . U   A 1 1  ? -6.179  -1.448  15.396  1.00 55.46 ? 1   U   A OP3   1 
ATOM   2   P P     . U   A 1 1  ? -7.501  -1.724  14.647  1.00 57.46 ? 1   U   A P     1 
ATOM   3   O OP1   . U   A 1 1  ? -7.714  -0.607  13.684  1.00 54.86 ? 1   U   A OP1   1 
ATOM   4   O OP2   . U   A 1 1  ? -8.557  -1.953  15.678  1.00 44.87 ? 1   U   A OP2   1 
ATOM   5   O "O5'" . U   A 1 1  ? -7.287  -3.053  13.782  1.00 38.82 ? 1   U   A "O5'" 1 
ATOM   6   C "C5'" . U   A 1 1  ? -6.905  -4.277  14.398  1.00 32.06 ? 1   U   A "C5'" 1 
ATOM   7   C "C4'" . U   A 1 1  ? -7.676  -5.450  13.840  1.00 30.73 ? 1   U   A "C4'" 1 
ATOM   8   O "O4'" . U   A 1 1  ? -9.102  -5.222  14.001  1.00 28.06 ? 1   U   A "O4'" 1 
ATOM   9   C "C3'" . U   A 1 1  ? -7.521  -5.717  12.354  1.00 30.93 ? 1   U   A "C3'" 1 
ATOM   10  O "O3'" . U   A 1 1  ? -6.340  -6.419  12.039  1.00 31.54 ? 1   U   A "O3'" 1 
ATOM   11  C "C2'" . U   A 1 1  ? -8.783  -6.500  12.029  1.00 27.86 ? 1   U   A "C2'" 1 
ATOM   12  O "O2'" . U   A 1 1  ? -8.674  -7.841  12.486  1.00 28.09 ? 1   U   A "O2'" 1 
ATOM   13  C "C1'" . U   A 1 1  ? -9.800  -5.781  12.905  1.00 25.65 ? 1   U   A "C1'" 1 
ATOM   14  N N1    . U   A 1 1  ? -10.476 -4.685  12.186  1.00 25.82 ? 1   U   A N1    1 
ATOM   15  C C2    . U   A 1 1  ? -11.424 -5.028  11.245  1.00 24.60 ? 1   U   A C2    1 
ATOM   16  O O2    . U   A 1 1  ? -11.706 -6.182  10.968  1.00 23.26 ? 1   U   A O2    1 
ATOM   17  N N3    . U   A 1 1  ? -12.014 -3.950  10.628  1.00 26.24 ? 1   U   A N3    1 
ATOM   18  C C4    . U   A 1 1  ? -11.770 -2.612  10.863  1.00 28.63 ? 1   U   A C4    1 
ATOM   19  O O4    . U   A 1 1  ? -12.398 -1.764  10.234  1.00 29.31 ? 1   U   A O4    1 
ATOM   20  C C5    . U   A 1 1  ? -10.784 -2.344  11.860  1.00 29.01 ? 1   U   A C5    1 
ATOM   21  C C6    . U   A 1 1  ? -10.191 -3.371  12.470  1.00 28.31 ? 1   U   A C6    1 
ATOM   22  P P     . U   A 1 2  ? -5.566  -6.108  10.671  1.00 32.68 ? 2   U   A P     1 
ATOM   23  O OP1   . U   A 1 2  ? -4.186  -6.638  10.831  1.00 39.91 ? 2   U   A OP1   1 
ATOM   24  O OP2   . U   A 1 2  ? -5.745  -4.666  10.356  1.00 33.91 ? 2   U   A OP2   1 
ATOM   25  O "O5'" . U   A 1 2  ? -6.344  -6.975  9.581   1.00 29.33 ? 2   U   A "O5'" 1 
ATOM   26  C "C5'" . U   A 1 2  ? -6.581  -8.365  9.743   1.00 31.66 ? 2   U   A "C5'" 1 
ATOM   27  C "C4'" . U   A 1 2  ? -7.582  -8.881  8.731   1.00 30.09 ? 2   U   A "C4'" 1 
ATOM   28  O "O4'" . U   A 1 2  ? -8.905  -8.344  9.006   1.00 28.90 ? 2   U   A "O4'" 1 
ATOM   29  C "C3'" . U   A 1 2  ? -7.332  -8.496  7.282   1.00 33.83 ? 2   U   A "C3'" 1 
ATOM   30  O "O3'" . U   A 1 2  ? -6.362  -9.307  6.658   1.00 36.49 ? 2   U   A "O3'" 1 
ATOM   31  C "C2'" . U   A 1 2  ? -8.712  -8.628  6.655   1.00 29.42 ? 2   U   A "C2'" 1 
ATOM   32  O "O2'" . U   A 1 2  ? -9.028  -9.991  6.397   1.00 31.63 ? 2   U   A "O2'" 1 
ATOM   33  C "C1'" . U   A 1 2  ? -9.606  -8.146  7.791   1.00 30.64 ? 2   U   A "C1'" 1 
ATOM   34  N N1    . U   A 1 2  ? -9.968  -6.716  7.678   1.00 24.07 ? 2   U   A N1    1 
ATOM   35  C C2    . U   A 1 2  ? -10.965 -6.354  6.791   1.00 23.96 ? 2   U   A C2    1 
ATOM   36  O O2    . U   A 1 2  ? -11.536 -7.156  6.069   1.00 26.82 ? 2   U   A O2    1 
ATOM   37  N N3    . U   A 1 2  ? -11.261 -5.009  6.793   1.00 25.13 ? 2   U   A N3    1 
ATOM   38  C C4    . U   A 1 2  ? -10.677 -4.017  7.567   1.00 26.32 ? 2   U   A C4    1 
ATOM   39  O O4    . U   A 1 2  ? -11.034 -2.840  7.470   1.00 27.50 ? 2   U   A O4    1 
ATOM   40  C C5    . U   A 1 2  ? -9.654  -4.481  8.450   1.00 27.23 ? 2   U   A C5    1 
ATOM   41  C C6    . U   A 1 2  ? -9.359  -5.779  8.474   1.00 24.76 ? 2   U   A C6    1 
ATOM   42  P P     . C   A 1 3  ? -5.419  -8.685  5.525   1.00 38.59 ? 3   C   A P     1 
ATOM   43  O OP1   . C   A 1 3  ? -4.354  -9.695  5.271   1.00 42.10 ? 3   C   A OP1   1 
ATOM   44  O OP2   . C   A 1 3  ? -5.066  -7.290  5.905   1.00 26.39 ? 3   C   A OP2   1 
ATOM   45  O "O5'" . C   A 1 3  ? -6.357  -8.586  4.240   1.00 36.14 ? 3   C   A "O5'" 1 
ATOM   46  C "C5'" . C   A 1 3  ? -7.012  -9.732  3.719   1.00 33.45 ? 3   C   A "C5'" 1 
ATOM   47  C "C4'" . C   A 1 3  ? -8.101  -9.335  2.754   1.00 38.60 ? 3   C   A "C4'" 1 
ATOM   48  O "O4'" . C   A 1 3  ? -9.102  -8.549  3.447   1.00 36.06 ? 3   C   A "O4'" 1 
ATOM   49  C "C3'" . C   A 1 3  ? -7.675  -8.445  1.598   1.00 38.60 ? 3   C   A "C3'" 1 
ATOM   50  O "O3'" . C   A 1 3  ? -7.069  -9.165  0.542   1.00 42.58 ? 3   C   A "O3'" 1 
ATOM   51  C "C2'" . C   A 1 3  ? -8.975  -7.751  1.207   1.00 34.86 ? 3   C   A "C2'" 1 
ATOM   52  O "O2'" . C   A 1 3  ? -9.777  -8.600  0.399   1.00 39.74 ? 3   C   A "O2'" 1 
ATOM   53  C "C1'" . C   A 1 3  ? -9.657  -7.593  2.567   1.00 36.49 ? 3   C   A "C1'" 1 
ATOM   54  N N1    . C   A 1 3  ? -9.475  -6.247  3.150   1.00 29.55 ? 3   C   A N1    1 
ATOM   55  C C2    . C   A 1 3  ? -10.281 -5.215  2.676   1.00 30.67 ? 3   C   A C2    1 
ATOM   56  O O2    . C   A 1 3  ? -11.085 -5.475  1.766   1.00 32.03 ? 3   C   A O2    1 
ATOM   57  N N3    . C   A 1 3  ? -10.147 -3.977  3.201   1.00 26.75 ? 3   C   A N3    1 
ATOM   58  C C4    . C   A 1 3  ? -9.260  -3.745  4.173   1.00 28.26 ? 3   C   A C4    1 
ATOM   59  N N4    . C   A 1 3  ? -9.163  -2.508  4.665   1.00 27.64 ? 3   C   A N4    1 
ATOM   60  C C5    . C   A 1 3  ? -8.429  -4.785  4.681   1.00 27.82 ? 3   C   A C5    1 
ATOM   61  C C6    . C   A 1 3  ? -8.571  -6.007  4.147   1.00 28.55 ? 3   C   A C6    1 
ATOM   62  P P     . U   A 1 4  ? -6.007  -8.435  -0.416  1.00 46.88 ? 4   U   A P     1 
ATOM   63  O OP1   . U   A 1 4  ? -5.989  -9.186  -1.700  1.00 48.44 ? 4   U   A OP1   1 
ATOM   64  O OP2   . U   A 1 4  ? -4.744  -8.212  0.326   1.00 44.50 ? 4   U   A OP2   1 
ATOM   65  O "O5'" . U   A 1 4  ? -6.652  -6.999  -0.657  1.00 38.88 ? 4   U   A "O5'" 1 
ATOM   66  C "C5'" . U   A 1 4  ? -6.480  -6.318  -1.883  1.00 36.56 ? 4   U   A "C5'" 1 
ATOM   67  C "C4'" . U   A 1 4  ? -7.794  -6.096  -2.589  1.00 33.76 ? 4   U   A "C4'" 1 
ATOM   68  O "O4'" . U   A 1 4  ? -8.809  -5.670  -1.644  1.00 34.08 ? 4   U   A "O4'" 1 
ATOM   69  C "C3'" . U   A 1 4  ? -7.762  -4.988  -3.620  1.00 28.39 ? 4   U   A "C3'" 1 
ATOM   70  O "O3'" . U   A 1 4  ? -7.220  -5.401  -4.848  1.00 27.48 ? 4   U   A "O3'" 1 
ATOM   71  C "C2'" . U   A 1 4  ? -9.209  -4.542  -3.698  1.00 31.63 ? 4   U   A "C2'" 1 
ATOM   72  O "O2'" . U   A 1 4  ? -9.969  -5.422  -4.511  1.00 34.92 ? 4   U   A "O2'" 1 
ATOM   73  C "C1'" . U   A 1 4  ? -9.642  -4.693  -2.240  1.00 32.64 ? 4   U   A "C1'" 1 
ATOM   74  N N1    . U   A 1 4  ? -9.478  -3.425  -1.486  1.00 29.25 ? 4   U   A N1    1 
ATOM   75  C C2    . U   A 1 4  ? -10.207 -2.305  -1.872  1.00 27.70 ? 4   U   A C2    1 
ATOM   76  O O2    . U   A 1 4  ? -11.003 -2.297  -2.792  1.00 28.89 ? 4   U   A O2    1 
ATOM   77  N N3    . U   A 1 4  ? -9.985  -1.178  -1.112  1.00 26.04 ? 4   U   A N3    1 
ATOM   78  C C4    . U   A 1 4  ? -9.136  -1.046  -0.043  1.00 24.57 ? 4   U   A C4    1 
ATOM   79  O O4    . U   A 1 4  ? -9.044  0.044   0.529   1.00 27.67 ? 4   U   A O4    1 
ATOM   80  C C5    . U   A 1 4  ? -8.415  -2.242  0.292   1.00 26.47 ? 4   U   A C5    1 
ATOM   81  C C6    . U   A 1 4  ? -8.607  -3.352  -0.424  1.00 26.64 ? 4   U   A C6    1 
ATOM   82  P P     . G   A 1 5  ? -6.042  -4.528  -5.452  1.00 29.85 ? 5   G   A P     1 
ATOM   83  O OP1   . G   A 1 5  ? -5.555  -5.185  -6.692  1.00 30.56 ? 5   G   A OP1   1 
ATOM   84  O OP2   . G   A 1 5  ? -5.103  -4.185  -4.363  1.00 30.97 ? 5   G   A OP2   1 
ATOM   85  O "O5'" . G   A 1 5  ? -6.756  -3.162  -5.840  1.00 26.83 ? 5   G   A "O5'" 1 
ATOM   86  C "C5'" . G   A 1 5  ? -7.785  -3.139  -6.806  1.00 26.31 ? 5   G   A "C5'" 1 
ATOM   87  C "C4'" . G   A 1 5  ? -8.330  -1.750  -6.927  1.00 26.88 ? 5   G   A "C4'" 1 
ATOM   88  O "O4'" . G   A 1 5  ? -9.027  -1.395  -5.706  1.00 25.38 ? 5   G   A "O4'" 1 
ATOM   89  C "C3'" . G   A 1 5  ? -7.294  -0.654  -7.067  1.00 25.01 ? 5   G   A "C3'" 1 
ATOM   90  O "O3'" . G   A 1 5  ? -6.761  -0.564  -8.374  1.00 26.42 ? 5   G   A "O3'" 1 
ATOM   91  C "C2'" . G   A 1 5  ? -8.078  0.573   -6.628  1.00 23.35 ? 5   G   A "C2'" 1 
ATOM   92  O "O2'" . G   A 1 5  ? -9.005  0.943   -7.639  1.00 25.77 ? 5   G   A "O2'" 1 
ATOM   93  C "C1'" . G   A 1 5  ? -8.876  -0.007  -5.464  1.00 23.20 ? 5   G   A "C1'" 1 
ATOM   94  N N9    . G   A 1 5  ? -8.177  0.164   -4.179  1.00 21.85 ? 5   G   A N9    1 
ATOM   95  C C8    . G   A 1 5  ? -7.566  -0.831  -3.444  1.00 23.67 ? 5   G   A C8    1 
ATOM   96  N N7    . G   A 1 5  ? -7.022  -0.381  -2.346  1.00 23.95 ? 5   G   A N7    1 
ATOM   97  C C5    . G   A 1 5  ? -7.296  0.982   -2.338  1.00 21.66 ? 5   G   A C5    1 
ATOM   98  C C6    . G   A 1 5  ? -6.969  1.992   -1.400  1.00 19.74 ? 5   G   A C6    1 
ATOM   99  O O6    . G   A 1 5  ? -6.355  1.903   -0.327  1.00 23.99 ? 5   G   A O6    1 
ATOM   100 N N1    . G   A 1 5  ? -7.431  3.242   -1.789  1.00 17.24 ? 5   G   A N1    1 
ATOM   101 C C2    . G   A 1 5  ? -8.130  3.480   -2.951  1.00 20.05 ? 5   G   A C2    1 
ATOM   102 N N2    . G   A 1 5  ? -8.501  4.755   -3.174  1.00 21.03 ? 5   G   A N2    1 
ATOM   103 N N3    . G   A 1 5  ? -8.457  2.552   -3.827  1.00 19.71 ? 5   G   A N3    1 
ATOM   104 C C4    . G   A 1 5  ? -8.005  1.327   -3.471  1.00 21.51 ? 5   G   A C4    1 
ATOM   105 P P     . C   A 1 6  ? -5.198  -0.278  -8.603  1.00 27.24 ? 6   C   A P     1 
ATOM   106 O OP1   . C   A 1 6  ? -4.946  -0.501  -10.053 1.00 30.09 ? 6   C   A OP1   1 
ATOM   107 O OP2   . C   A 1 6  ? -4.366  -0.968  -7.583  1.00 29.07 ? 6   C   A OP2   1 
ATOM   108 O "O5'" . C   A 1 6  ? -5.039  1.269   -8.266  1.00 25.92 ? 6   C   A "O5'" 1 
ATOM   109 C "C5'" . C   A 1 6  ? -5.733  2.248   -9.020  1.00 25.79 ? 6   C   A "C5'" 1 
ATOM   110 C "C4'" . C   A 1 6  ? -5.666  3.597   -8.357  1.00 21.52 ? 6   C   A "C4'" 1 
ATOM   111 O "O4'" . C   A 1 6  ? -6.380  3.560   -7.092  1.00 25.49 ? 6   C   A "O4'" 1 
ATOM   112 C "C3'" . C   A 1 6  ? -4.287  4.095   -7.963  1.00 25.47 ? 6   C   A "C3'" 1 
ATOM   113 O "O3'" . C   A 1 6  ? -3.508  4.583   -9.040  1.00 29.20 ? 6   C   A "O3'" 1 
ATOM   114 C "C2'" . C   A 1 6  ? -4.630  5.148   -6.921  1.00 24.47 ? 6   C   A "C2'" 1 
ATOM   115 O "O2'" . C   A 1 6  ? -5.139  6.315   -7.545  1.00 24.45 ? 6   C   A "O2'" 1 
ATOM   116 C "C1'" . C   A 1 6  ? -5.773  4.452   -6.181  1.00 23.41 ? 6   C   A "C1'" 1 
ATOM   117 N N1    . C   A 1 6  ? -5.230  3.679   -5.052  1.00 20.54 ? 6   C   A N1    1 
ATOM   118 C C2    . C   A 1 6  ? -4.911  4.393   -3.900  1.00 20.55 ? 6   C   A C2    1 
ATOM   119 O O2    . C   A 1 6  ? -5.140  5.610   -3.864  1.00 22.03 ? 6   C   A O2    1 
ATOM   120 N N3    . C   A 1 6  ? -4.380  3.732   -2.849  1.00 20.40 ? 6   C   A N3    1 
ATOM   121 C C4    . C   A 1 6  ? -4.145  2.419   -2.939  1.00 21.94 ? 6   C   A C4    1 
ATOM   122 N N4    . C   A 1 6  ? -3.612  1.797   -1.888  1.00 24.01 ? 6   C   A N4    1 
ATOM   123 C C5    . C   A 1 6  ? -4.440  1.680   -4.116  1.00 22.97 ? 6   C   A C5    1 
ATOM   124 C C6    . C   A 1 6  ? -4.975  2.343   -5.145  1.00 22.63 ? 6   C   A C6    1 
ATOM   125 P P     . U   A 1 7  ? -1.914  4.361   -9.015  1.00 33.77 ? 7   U   A P     1 
ATOM   126 O OP1   . U   A 1 7  ? -1.377  4.899   -10.294 1.00 34.88 ? 7   U   A OP1   1 
ATOM   127 O OP2   . U   A 1 7  ? -1.631  2.965   -8.618  1.00 29.83 ? 7   U   A OP2   1 
ATOM   128 O "O5'" . U   A 1 7  ? -1.420  5.288   -7.824  1.00 27.42 ? 7   U   A "O5'" 1 
ATOM   129 C "C5'" . U   A 1 7  ? -1.617  6.690   -7.876  1.00 27.49 ? 7   U   A "C5'" 1 
ATOM   130 C "C4'" . U   A 1 7  ? -1.351  7.351   -6.551  1.00 26.46 ? 7   U   A "C4'" 1 
ATOM   131 O "O4'" . U   A 1 7  ? -2.099  6.708   -5.480  1.00 25.40 ? 7   U   A "O4'" 1 
ATOM   132 C "C3'" . U   A 1 7  ? 0.071   7.312   -6.034  1.00 29.16 ? 7   U   A "C3'" 1 
ATOM   133 O "O3'" . U   A 1 7  ? 0.941   8.192   -6.716  1.00 28.39 ? 7   U   A "O3'" 1 
ATOM   134 C "C2'" . U   A 1 7  ? -0.126  7.672   -4.575  1.00 27.90 ? 7   U   A "C2'" 1 
ATOM   135 O "O2'" . U   A 1 7  ? -0.422  9.051   -4.457  1.00 29.12 ? 7   U   A "O2'" 1 
ATOM   136 C "C1'" . U   A 1 7  ? -1.405  6.892   -4.260  1.00 25.34 ? 7   U   A "C1'" 1 
ATOM   137 N N1    . U   A 1 7  ? -1.104  5.582   -3.636  1.00 23.98 ? 7   U   A N1    1 
ATOM   138 C C2    . U   A 1 7  ? -0.626  5.629   -2.333  1.00 23.56 ? 7   U   A C2    1 
ATOM   139 O O2    . U   A 1 7  ? -0.446  6.659   -1.708  1.00 22.67 ? 7   U   A O2    1 
ATOM   140 N N3    . U   A 1 7  ? -0.337  4.420   -1.764  1.00 25.93 ? 7   U   A N3    1 
ATOM   141 C C4    . U   A 1 7  ? -0.486  3.185   -2.328  1.00 28.48 ? 7   U   A C4    1 
ATOM   142 O O4    . U   A 1 7  ? -0.164  2.200   -1.652  1.00 30.39 ? 7   U   A O4    1 
ATOM   143 C C5    . U   A 1 7  ? -0.982  3.208   -3.676  1.00 25.76 ? 7   U   A C5    1 
ATOM   144 C C6    . U   A 1 7  ? -1.270  4.379   -4.271  1.00 25.48 ? 7   U   A C6    1 
ATOM   145 P P     . G   A 1 8  ? 2.528   7.913   -6.731  1.00 31.97 ? 8   G   A P     1 
ATOM   146 O OP1   . G   A 1 8  ? 3.107   8.791   -7.775  1.00 34.11 ? 8   G   A OP1   1 
ATOM   147 O OP2   . G   A 1 8  ? 2.784   6.455   -6.761  1.00 30.19 ? 8   G   A OP2   1 
ATOM   148 O "O5'" . G   A 1 8  ? 3.014   8.448   -5.314  1.00 30.05 ? 8   G   A "O5'" 1 
ATOM   149 C "C5'" . G   A 1 8  ? 2.836   9.808   -4.951  1.00 31.00 ? 8   G   A "C5'" 1 
ATOM   150 C "C4'" . G   A 1 8  ? 3.279   10.048  -3.533  1.00 28.86 ? 8   G   A "C4'" 1 
ATOM   151 O "O4'" . G   A 1 8  ? 2.445   9.278   -2.627  1.00 26.84 ? 8   G   A "O4'" 1 
ATOM   152 C "C3'" . G   A 1 8  ? 4.688   9.594   -3.197  1.00 28.42 ? 8   G   A "C3'" 1 
ATOM   153 O "O3'" . G   A 1 8  ? 5.684   10.508  -3.613  1.00 34.35 ? 8   G   A "O3'" 1 
ATOM   154 C "C2'" . G   A 1 8  ? 4.615   9.403   -1.690  1.00 27.43 ? 8   G   A "C2'" 1 
ATOM   155 O "O2'" . G   A 1 8  ? 4.605   10.662  -1.030  1.00 30.37 ? 8   G   A "O2'" 1 
ATOM   156 C "C1'" . G   A 1 8  ? 3.227   8.800   -1.549  1.00 27.69 ? 8   G   A "C1'" 1 
ATOM   157 N N9    . G   A 1 8  ? 3.236   7.322   -1.572  1.00 25.14 ? 8   G   A N9    1 
ATOM   158 C C8    . G   A 1 8  ? 2.808   6.472   -2.567  1.00 22.91 ? 8   G   A C8    1 
ATOM   159 N N7    . G   A 1 8  ? 2.939   5.209   -2.242  1.00 26.23 ? 8   G   A N7    1 
ATOM   160 C C5    . G   A 1 8  ? 3.474   5.221   -0.958  1.00 22.89 ? 8   G   A C5    1 
ATOM   161 C C6    . G   A 1 8  ? 3.836   4.160   -0.077  1.00 23.38 ? 8   G   A C6    1 
ATOM   162 O O6    . G   A 1 8  ? 3.745   2.934   -0.244  1.00 24.40 ? 8   G   A O6    1 
ATOM   163 N N1    . G   A 1 8  ? 4.362   4.638   1.122   1.00 21.47 ? 8   G   A N1    1 
ATOM   164 C C2    . G   A 1 8  ? 4.509   5.969   1.432   1.00 20.25 ? 8   G   A C2    1 
ATOM   165 N N2    . G   A 1 8  ? 5.031   6.248   2.635   1.00 23.79 ? 8   G   A N2    1 
ATOM   166 N N3    . G   A 1 8  ? 4.174   6.964   0.625   1.00 23.08 ? 8   G   A N3    1 
ATOM   167 C C4    . G   A 1 8  ? 3.669   6.520   -0.544  1.00 22.73 ? 8   G   A C4    1 
ATOM   168 P P     . C   A 1 9  ? 7.158   9.976   -3.966  1.00 31.34 ? 9   C   A P     1 
ATOM   169 O OP1   . C   A 1 9  ? 7.898   11.109  -4.572  1.00 35.88 ? 9   C   A OP1   1 
ATOM   170 O OP2   . C   A 1 9  ? 7.069   8.696   -4.701  1.00 34.88 ? 9   C   A OP2   1 
ATOM   171 O "O5'" . C   A 1 9  ? 7.803   9.648   -2.547  1.00 29.27 ? 9   C   A "O5'" 1 
ATOM   172 C "C5'" . C   A 1 9  ? 7.865   10.630  -1.526  1.00 27.75 ? 9   C   A "C5'" 1 
ATOM   173 C "C4'" . C   A 1 9  ? 8.509   10.061  -0.292  1.00 27.53 ? 9   C   A "C4'" 1 
ATOM   174 O "O4'" . C   A 1 9  ? 7.608   9.123   0.352   1.00 25.00 ? 9   C   A "O4'" 1 
ATOM   175 C "C3'" . C   A 1 9  ? 9.760   9.243   -0.545  1.00 26.23 ? 9   C   A "C3'" 1 
ATOM   176 O "O3'" . C   A 1 9  ? 10.903  10.044  -0.743  1.00 28.31 ? 9   C   A "O3'" 1 
ATOM   177 C "C2'" . C   A 1 9  ? 9.831   8.357   0.689   1.00 23.19 ? 9   C   A "C2'" 1 
ATOM   178 O "O2'" . C   A 1 9  ? 10.317  9.094   1.803   1.00 25.46 ? 9   C   A "O2'" 1 
ATOM   179 C "C1'" . C   A 1 9  ? 8.350   8.058   0.921   1.00 22.36 ? 9   C   A "C1'" 1 
ATOM   180 N N1    . C   A 1 9  ? 7.925   6.790   0.286   1.00 19.63 ? 9   C   A N1    1 
ATOM   181 C C2    . C   A 1 9  ? 8.121   5.598   0.986   1.00 18.71 ? 9   C   A C2    1 
ATOM   182 O O2    . C   A 1 9  ? 8.660   5.615   2.103   1.00 18.93 ? 9   C   A O2    1 
ATOM   183 N N3    . C   A 1 9  ? 7.713   4.435   0.441   1.00 20.26 ? 9   C   A N3    1 
ATOM   184 C C4    . C   A 1 9  ? 7.127   4.442   -0.754  1.00 17.96 ? 9   C   A C4    1 
ATOM   185 N N4    . C   A 1 9  ? 6.760   3.255   -1.243  1.00 21.01 ? 9   C   A N4    1 
ATOM   186 C C5    . C   A 1 9  ? 6.918   5.637   -1.499  1.00 21.46 ? 9   C   A C5    1 
ATOM   187 C C6    . C   A 1 9  ? 7.319   6.785   -0.946  1.00 21.59 ? 9   C   A C6    1 
ATOM   188 P P     . U   A 1 10 ? 12.148  9.456   -1.561  1.00 27.63 ? 10  U   A P     1 
ATOM   189 O OP1   . U   A 1 10 ? 13.142  10.562  -1.663  1.00 32.04 ? 10  U   A OP1   1 
ATOM   190 O OP2   . U   A 1 10 ? 11.714  8.741   -2.790  1.00 28.90 ? 10  U   A OP2   1 
ATOM   191 O "O5'" . U   A 1 10 ? 12.728  8.350   -0.584  1.00 26.75 ? 10  U   A "O5'" 1 
ATOM   192 C "C5'" . U   A 1 10 ? 13.186  7.114   -1.086  1.00 23.96 ? 10  U   A "C5'" 1 
ATOM   193 C "C4'" . U   A 1 10 ? 13.203  6.087   0.005   1.00 22.70 ? 10  U   A "C4'" 1 
ATOM   194 O "O4'" . U   A 1 10 ? 11.842  5.681   0.312   1.00 20.89 ? 10  U   A "O4'" 1 
ATOM   195 C "C3'" . U   A 1 10 ? 13.906  4.786   -0.317  1.00 22.06 ? 10  U   A "C3'" 1 
ATOM   196 O "O3'" . U   A 1 10 ? 15.304  4.891   -0.165  1.00 22.82 ? 10  U   A "O3'" 1 
ATOM   197 C "C2'" . U   A 1 10 ? 13.268  3.824   0.667   1.00 19.36 ? 10  U   A "C2'" 1 
ATOM   198 O "O2'" . U   A 1 10 ? 13.802  4.028   1.969   1.00 20.72 ? 10  U   A "O2'" 1 
ATOM   199 C "C1'" . U   A 1 10 ? 11.821  4.313   0.655   1.00 18.36 ? 10  U   A "C1'" 1 
ATOM   200 N N1    . U   A 1 10 ? 11.013  3.607   -0.365  1.00 22.17 ? 10  U   A N1    1 
ATOM   201 C C2    . U   A 1 10 ? 10.700  2.282   -0.113  1.00 19.18 ? 10  U   A C2    1 
ATOM   202 O O2    . U   A 1 10 ? 11.079  1.710   0.885   1.00 20.04 ? 10  U   A O2    1 
ATOM   203 N N3    . U   A 1 10 ? 9.956   1.643   -1.091  1.00 20.49 ? 10  U   A N3    1 
ATOM   204 C C4    . U   A 1 10 ? 9.509   2.216   -2.257  1.00 27.47 ? 10  U   A C4    1 
ATOM   205 O O4    . U   A 1 10 ? 8.844   1.521   -3.032  1.00 28.19 ? 10  U   A O4    1 
ATOM   206 C C5    . U   A 1 10 ? 9.862   3.597   -2.440  1.00 22.71 ? 10  U   A C5    1 
ATOM   207 C C6    . U   A 1 10 ? 10.592  4.236   -1.514  1.00 20.08 ? 10  U   A C6    1 
ATOM   208 P P     . G   A 1 11 ? 16.276  4.095   -1.158  1.00 21.62 ? 11  G   A P     1 
ATOM   209 O OP1   . G   A 1 11 ? 17.628  4.663   -0.949  1.00 27.36 ? 11  G   A OP1   1 
ATOM   210 O OP2   . G   A 1 11 ? 15.671  4.100   -2.514  1.00 23.22 ? 11  G   A OP2   1 
ATOM   211 O "O5'" . G   A 1 11 ? 16.263  2.604   -0.620  1.00 24.12 ? 11  G   A "O5'" 1 
ATOM   212 C "C5'" . G   A 1 11 ? 16.697  2.311   0.697   1.00 20.70 ? 11  G   A "C5'" 1 
ATOM   213 C "C4'" . G   A 1 11 ? 16.404  0.880   1.045   1.00 22.07 ? 11  G   A "C4'" 1 
ATOM   214 O "O4'" . G   A 1 11 ? 14.969  0.675   1.132   1.00 23.67 ? 11  G   A "O4'" 1 
ATOM   215 C "C3'" . G   A 1 11 ? 16.849  -0.153  0.025   1.00 23.64 ? 11  G   A "C3'" 1 
ATOM   216 O "O3'" . G   A 1 11 ? 18.231  -0.441  0.096   1.00 21.55 ? 11  G   A "O3'" 1 
ATOM   217 C "C2'" . G   A 1 11 ? 15.965  -1.335  0.375   1.00 21.26 ? 11  G   A "C2'" 1 
ATOM   218 O "O2'" . G   A 1 11 ? 16.424  -1.955  1.564   1.00 24.74 ? 11  G   A "O2'" 1 
ATOM   219 C "C1'" . G   A 1 11 ? 14.651  -0.628  0.689   1.00 23.93 ? 11  G   A "C1'" 1 
ATOM   220 N N9    . G   A 1 11 ? 13.803  -0.504  -0.510  1.00 23.50 ? 11  G   A N9    1 
ATOM   221 C C8    . G   A 1 11 ? 13.580  0.616   -1.263  1.00 21.80 ? 11  G   A C8    1 
ATOM   222 N N7    . G   A 1 11 ? 12.758  0.388   -2.260  1.00 23.62 ? 11  G   A N7    1 
ATOM   223 C C5    . G   A 1 11 ? 12.428  -0.956  -2.138  1.00 23.28 ? 11  G   A C5    1 
ATOM   224 C C6    . G   A 1 11 ? 11.587  -1.782  -2.925  1.00 22.57 ? 11  G   A C6    1 
ATOM   225 O O6    . G   A 1 11 ? 10.928  -1.466  -3.926  1.00 29.42 ? 11  G   A O6    1 
ATOM   226 N N1    . G   A 1 11 ? 11.563  -3.083  -2.441  1.00 24.61 ? 11  G   A N1    1 
ATOM   227 C C2    . G   A 1 11 ? 12.252  -3.549  -1.348  1.00 22.42 ? 11  G   A C2    1 
ATOM   228 N N2    . G   A 1 11 ? 12.110  -4.841  -1.011  1.00 26.78 ? 11  G   A N2    1 
ATOM   229 N N3    . G   A 1 11 ? 13.034  -2.787  -0.610  1.00 23.53 ? 11  G   A N3    1 
ATOM   230 C C4    . G   A 1 11 ? 13.077  -1.524  -1.071  1.00 21.33 ? 11  G   A C4    1 
ATOM   231 P P     . A   A 1 12 ? 19.018  -0.959  -1.196  1.00 22.81 ? 12  A   A P     1 
ATOM   232 O OP1   . A   A 1 12 ? 20.467  -0.985  -0.872  1.00 29.60 ? 12  A   A OP1   1 
ATOM   233 O OP2   . A   A 1 12 ? 18.565  -0.196  -2.378  1.00 25.89 ? 12  A   A OP2   1 
ATOM   234 O "O5'" . A   A 1 12 ? 18.526  -2.453  -1.396  1.00 20.37 ? 12  A   A "O5'" 1 
ATOM   235 C "C5'" . A   A 1 12 ? 18.844  -3.464  -0.451  1.00 20.47 ? 12  A   A "C5'" 1 
ATOM   236 C "C4'" . A   A 1 12 ? 18.239  -4.784  -0.848  1.00 20.42 ? 12  A   A "C4'" 1 
ATOM   237 O "O4'" . A   A 1 12 ? 16.789  -4.722  -0.731  1.00 21.51 ? 12  A   A "O4'" 1 
ATOM   238 C "C3'" . A   A 1 12 ? 18.455  -5.215  -2.289  1.00 19.16 ? 12  A   A "C3'" 1 
ATOM   239 O "O3'" . A   A 1 12 ? 19.742  -5.740  -2.535  1.00 20.48 ? 12  A   A "O3'" 1 
ATOM   240 C "C2'" . A   A 1 12 ? 17.333  -6.216  -2.481  1.00 21.67 ? 12  A   A "C2'" 1 
ATOM   241 O "O2'" . A   A 1 12 ? 17.632  -7.414  -1.774  1.00 21.86 ? 12  A   A "O2'" 1 
ATOM   242 C "C1'" . A   A 1 12 ? 16.199  -5.494  -1.758  1.00 20.57 ? 12  A   A "C1'" 1 
ATOM   243 N N9    . A   A 1 12 ? 15.526  -4.572  -2.687  1.00 20.55 ? 12  A   A N9    1 
ATOM   244 C C8    . A   A 1 12 ? 15.735  -3.215  -2.844  1.00 21.89 ? 12  A   A C8    1 
ATOM   245 N N7    . A   A 1 12 ? 15.008  -2.678  -3.795  1.00 24.22 ? 12  A   A N7    1 
ATOM   246 C C5    . A   A 1 12 ? 14.299  -3.752  -4.317  1.00 21.48 ? 12  A   A C5    1 
ATOM   247 C C6    . A   A 1 12 ? 13.353  -3.845  -5.350  1.00 24.78 ? 12  A   A C6    1 
ATOM   248 N N6    . A   A 1 12 ? 12.958  -2.799  -6.077  1.00 26.01 ? 12  A   A N6    1 
ATOM   249 N N1    . A   A 1 12 ? 12.837  -5.067  -5.617  1.00 24.44 ? 12  A   A N1    1 
ATOM   250 C C2    . A   A 1 12 ? 13.231  -6.114  -4.885  1.00 23.81 ? 12  A   A C2    1 
ATOM   251 N N3    . A   A 1 12 ? 14.108  -6.150  -3.888  1.00 23.27 ? 12  A   A N3    1 
ATOM   252 C C4    . A   A 1 12 ? 14.614  -4.925  -3.654  1.00 22.69 ? 12  A   A C4    1 
ATOM   253 P P     . A   A 1 13 ? 20.453  -5.493  -3.957  1.00 20.53 ? 13  A   A P     1 
ATOM   254 O OP1   . A   A 1 13 ? 21.860  -5.928  -3.787  1.00 20.78 ? 13  A   A OP1   1 
ATOM   255 O OP2   . A   A 1 13 ? 20.169  -4.112  -4.439  1.00 22.62 ? 13  A   A OP2   1 
ATOM   256 O "O5'" . A   A 1 13 ? 19.700  -6.502  -4.928  1.00 23.17 ? 13  A   A "O5'" 1 
ATOM   257 C "C5'" . A   A 1 13 ? 19.645  -7.888  -4.644  1.00 21.14 ? 13  A   A "C5'" 1 
ATOM   258 C "C4'" . A   A 1 13 ? 18.601  -8.584  -5.477  1.00 21.47 ? 13  A   A "C4'" 1 
ATOM   259 O "O4'" . A   A 1 13 ? 17.322  -7.929  -5.285  1.00 20.74 ? 13  A   A "O4'" 1 
ATOM   260 C "C3'" . A   A 1 13 ? 18.817  -8.544  -6.978  1.00 19.48 ? 13  A   A "C3'" 1 
ATOM   261 O "O3'" . A   A 1 13 ? 19.732  -9.531  -7.434  1.00 22.21 ? 13  A   A "O3'" 1 
ATOM   262 C "C2'" . A   A 1 13 ? 17.407  -8.716  -7.528  1.00 20.04 ? 13  A   A "C2'" 1 
ATOM   263 O "O2'" . A   A 1 13 ? 17.036  -10.089 -7.516  1.00 26.60 ? 13  A   A "O2'" 1 
ATOM   264 C "C1'" . A   A 1 13 ? 16.575  -7.971  -6.483  1.00 22.08 ? 13  A   A "C1'" 1 
ATOM   265 N N9    . A   A 1 13 ? 16.276  -6.582  -6.887  1.00 22.92 ? 13  A   A N9    1 
ATOM   266 C C8    . A   A 1 13 ? 16.884  -5.422  -6.457  1.00 23.55 ? 13  A   A C8    1 
ATOM   267 N N7    . A   A 1 13 ? 16.402  -4.325  -6.999  1.00 27.74 ? 13  A   A N7    1 
ATOM   268 C C5    . A   A 1 13 ? 15.409  -4.797  -7.846  1.00 25.14 ? 13  A   A C5    1 
ATOM   269 C C6    . A   A 1 13 ? 14.529  -4.135  -8.720  1.00 24.98 ? 13  A   A C6    1 
ATOM   270 N N6    . A   A 1 13 ? 14.495  -2.806  -8.885  1.00 25.72 ? 13  A   A N6    1 
ATOM   271 N N1    . A   A 1 13 ? 13.675  -4.909  -9.430  1.00 24.17 ? 13  A   A N1    1 
ATOM   272 C C2    . A   A 1 13 ? 13.699  -6.240  -9.265  1.00 23.99 ? 13  A   A C2    1 
ATOM   273 N N3    . A   A 1 13 ? 14.481  -6.977  -8.471  1.00 25.46 ? 13  A   A N3    1 
ATOM   274 C C4    . A   A 1 13 ? 15.321  -6.178  -7.786  1.00 25.50 ? 13  A   A C4    1 
ATOM   275 O OP3   . U   B 2 1  ? 6.804   -0.885  -16.553 1.00 47.34 ? 1   U   B OP3   1 
ATOM   276 P P     . U   B 2 1  ? 7.024   -0.733  -14.985 1.00 63.34 ? 1   U   B P     1 
ATOM   277 O OP1   . U   B 2 1  ? 5.878   0.058   -14.455 1.00 60.49 ? 1   U   B OP1   1 
ATOM   278 O OP2   . U   B 2 1  ? 8.408   -0.208  -14.802 1.00 49.48 ? 1   U   B OP2   1 
ATOM   279 O "O5'" . U   B 2 1  ? 6.937   -2.178  -14.308 1.00 41.84 ? 1   U   B "O5'" 1 
ATOM   280 C "C5'" . U   B 2 1  ? 6.521   -3.303  -15.068 1.00 33.55 ? 1   U   B "C5'" 1 
ATOM   281 C "C4'" . U   B 2 1  ? 7.223   -4.569  -14.641 1.00 32.16 ? 1   U   B "C4'" 1 
ATOM   282 O "O4'" . U   B 2 1  ? 8.662   -4.419  -14.768 1.00 29.23 ? 1   U   B "O4'" 1 
ATOM   283 C "C3'" . U   B 2 1  ? 7.029   -4.995  -13.198 1.00 30.64 ? 1   U   B "C3'" 1 
ATOM   284 O "O3'" . U   B 2 1  ? 5.794   -5.640  -12.985 1.00 30.07 ? 1   U   B "O3'" 1 
ATOM   285 C "C2'" . U   B 2 1  ? 8.224   -5.906  -12.967 1.00 27.35 ? 1   U   B "C2'" 1 
ATOM   286 O "O2'" . U   B 2 1  ? 7.999   -7.177  -13.568 1.00 27.96 ? 1   U   B "O2'" 1 
ATOM   287 C "C1'" . U   B 2 1  ? 9.307   -5.182  -13.767 1.00 25.10 ? 1   U   B "C1'" 1 
ATOM   288 N N1    . U   B 2 1  ? 10.111  -4.268  -12.931 1.00 25.75 ? 1   U   B N1    1 
ATOM   289 C C2    . U   B 2 1  ? 11.024  -4.833  -12.069 1.00 24.56 ? 1   U   B C2    1 
ATOM   290 O O2    . U   B 2 1  ? 11.162  -6.035  -11.954 1.00 22.92 ? 1   U   B O2    1 
ATOM   291 N N3    . U   B 2 1  ? 11.748  -3.925  -11.331 1.00 27.14 ? 1   U   B N3    1 
ATOM   292 C C4    . U   B 2 1  ? 11.670  -2.545  -11.388 1.00 30.56 ? 1   U   B C4    1 
ATOM   293 O O4    . U   B 2 1  ? 12.401  -1.856  -10.674 1.00 29.41 ? 1   U   B O4    1 
ATOM   294 C C5    . U   B 2 1  ? 10.708  -2.042  -12.318 1.00 29.73 ? 1   U   B C5    1 
ATOM   295 C C6    . U   B 2 1  ? 9.987   -2.904  -13.040 1.00 29.14 ? 1   U   B C6    1 
ATOM   296 P P     . U   B 2 2  ? 5.029   -5.478  -11.584 1.00 33.34 ? 2   U   B P     1 
ATOM   297 O OP1   . U   B 2 2  ? 3.649   -5.987  -11.778 1.00 36.76 ? 2   U   B OP1   1 
ATOM   298 O OP2   . U   B 2 2  ? 5.258   -4.094  -11.103 1.00 32.81 ? 2   U   B OP2   1 
ATOM   299 O "O5'" . U   B 2 2  ? 5.752   -6.512  -10.618 1.00 28.69 ? 2   U   B "O5'" 1 
ATOM   300 C "C5'" . U   B 2 2  ? 5.758   -7.902  -10.892 1.00 29.44 ? 2   U   B "C5'" 1 
ATOM   301 C "C4'" . U   B 2 2  ? 6.715   -8.631  -9.983  1.00 29.81 ? 2   U   B "C4'" 1 
ATOM   302 O "O4'" . U   B 2 2  ? 8.069   -8.171  -10.220 1.00 29.72 ? 2   U   B "O4'" 1 
ATOM   303 C "C3'" . U   B 2 2  ? 6.514   -8.404  -8.492  1.00 33.27 ? 2   U   B "C3'" 1 
ATOM   304 O "O3'" . U   B 2 2  ? 5.474   -9.191  -7.953  1.00 36.61 ? 2   U   B "O3'" 1 
ATOM   305 C "C2'" . U   B 2 2  ? 7.884   -8.734  -7.919  1.00 29.83 ? 2   U   B "C2'" 1 
ATOM   306 O "O2'" . U   B 2 2  ? 8.072   -10.142 -7.846  1.00 32.52 ? 2   U   B "O2'" 1 
ATOM   307 C "C1'" . U   B 2 2  ? 8.804   -8.201  -9.012  1.00 30.85 ? 2   U   B "C1'" 1 
ATOM   308 N N1    . U   B 2 2  ? 9.324   -6.845  -8.737  1.00 24.57 ? 2   U   B N1    1 
ATOM   309 C C2    . U   B 2 2  ? 10.344  -6.730  -7.811  1.00 21.79 ? 2   U   B C2    1 
ATOM   310 O O2    . U   B 2 2  ? 10.788  -7.682  -7.198  1.00 25.14 ? 2   U   B O2    1 
ATOM   311 N N3    . U   B 2 2  ? 10.807  -5.449  -7.637  1.00 25.21 ? 2   U   B N3    1 
ATOM   312 C C4    . U   B 2 2  ? 10.367  -4.301  -8.277  1.00 26.93 ? 2   U   B C4    1 
ATOM   313 O O4    . U   B 2 2  ? 10.874  -3.206  -8.022  1.00 27.35 ? 2   U   B O4    1 
ATOM   314 C C5    . U   B 2 2  ? 9.308   -4.511  -9.221  1.00 28.06 ? 2   U   B C5    1 
ATOM   315 C C6    . U   B 2 2  ? 8.847   -5.748  -9.411  1.00 24.30 ? 2   U   B C6    1 
ATOM   316 P P     . C   B 2 3  ? 4.548   -8.595  -6.788  1.00 38.70 ? 3   C   B P     1 
ATOM   317 O OP1   . C   B 2 3  ? 3.426   -9.559  -6.608  1.00 40.67 ? 3   C   B OP1   1 
ATOM   318 O OP2   . C   B 2 3  ? 4.287   -7.152  -7.040  1.00 26.23 ? 3   C   B OP2   1 
ATOM   319 O "O5'" . C   B 2 3  ? 5.470   -8.667  -5.493  1.00 35.35 ? 3   C   B "O5'" 1 
ATOM   320 C "C5'" . C   B 2 3  ? 5.939   -9.912  -5.010  1.00 32.46 ? 3   C   B "C5'" 1 
ATOM   321 C "C4'" . C   B 2 3  ? 6.997   -9.716  -3.958  1.00 37.33 ? 3   C   B "C4'" 1 
ATOM   322 O "O4'" . C   B 2 3  ? 8.186   -9.134  -4.564  1.00 37.22 ? 3   C   B "O4'" 1 
ATOM   323 C "C3'" . C   B 2 3  ? 6.672   -8.750  -2.833  1.00 40.27 ? 3   C   B "C3'" 1 
ATOM   324 O "O3'" . C   B 2 3  ? 5.803   -9.280  -1.842  1.00 43.96 ? 3   C   B "O3'" 1 
ATOM   325 C "C2'" . C   B 2 3  ? 8.054   -8.397  -2.310  1.00 36.57 ? 3   C   B "C2'" 1 
ATOM   326 O "O2'" . C   B 2 3  ? 8.589   -9.481  -1.562  1.00 40.69 ? 3   C   B "O2'" 1 
ATOM   327 C "C1'" . C   B 2 3  ? 8.830   -8.300  -3.622  1.00 35.54 ? 3   C   B "C1'" 1 
ATOM   328 N N1    . C   B 2 3  ? 8.846   -6.912  -4.142  1.00 29.63 ? 3   C   B N1    1 
ATOM   329 C C2    . C   B 2 3  ? 9.775   -6.044  -3.581  1.00 29.40 ? 3   C   B C2    1 
ATOM   330 O O2    . C   B 2 3  ? 10.515  -6.501  -2.697  1.00 32.01 ? 3   C   B O2    1 
ATOM   331 N N3    . C   B 2 3  ? 9.831   -4.763  -4.009  1.00 27.20 ? 3   C   B N3    1 
ATOM   332 C C4    . C   B 2 3  ? 9.006   -4.335  -4.967  1.00 28.31 ? 3   C   B C4    1 
ATOM   333 N N4    . C   B 2 3  ? 9.096   -3.064  -5.368  1.00 26.32 ? 3   C   B N4    1 
ATOM   334 C C5    . C   B 2 3  ? 8.040   -5.203  -5.558  1.00 27.20 ? 3   C   B C5    1 
ATOM   335 C C6    . C   B 2 3  ? 7.994   -6.468  -5.116  1.00 27.58 ? 3   C   B C6    1 
ATOM   336 P P     . U   B 2 4  ? 4.892   -8.283  -0.965  1.00 46.32 ? 4   U   B P     1 
ATOM   337 O OP1   . U   B 2 4  ? 3.943   -9.151  -0.221  1.00 47.01 ? 4   U   B OP1   1 
ATOM   338 O OP2   . U   B 2 4  ? 4.357   -7.209  -1.837  1.00 40.70 ? 4   U   B OP2   1 
ATOM   339 O "O5'" . U   B 2 4  ? 5.919   -7.610  0.059   1.00 40.20 ? 4   U   B "O5'" 1 
ATOM   340 C "C5'" . U   B 2 4  ? 6.563   -8.408  1.038   1.00 39.12 ? 4   U   B "C5'" 1 
ATOM   341 C "C4'" . U   B 2 4  ? 7.682   -7.701  1.768   1.00 34.71 ? 4   U   B "C4'" 1 
ATOM   342 O "O4'" . U   B 2 4  ? 8.627   -7.076  0.860   1.00 33.17 ? 4   U   B "O4'" 1 
ATOM   343 C "C3'" . U   B 2 4  ? 7.329   -6.565  2.706   1.00 29.77 ? 4   U   B "C3'" 1 
ATOM   344 O "O3'" . U   B 2 4  ? 6.682   -6.965  3.893   1.00 29.00 ? 4   U   B "O3'" 1 
ATOM   345 C "C2'" . U   B 2 4  ? 8.694   -5.953  2.954   1.00 30.99 ? 4   U   B "C2'" 1 
ATOM   346 O "O2'" . U   B 2 4  ? 9.452   -6.778  3.826   1.00 32.99 ? 4   U   B "O2'" 1 
ATOM   347 C "C1'" . U   B 2 4  ? 9.309   -6.041  1.553   1.00 32.43 ? 4   U   B "C1'" 1 
ATOM   348 N N1    . U   B 2 4  ? 9.180   -4.747  0.842   1.00 29.61 ? 4   U   B N1    1 
ATOM   349 C C2    . U   B 2 4  ? 10.004  -3.739  1.325   1.00 25.76 ? 4   U   B C2    1 
ATOM   350 O O2    . U   B 2 4  ? 10.804  -3.916  2.223   1.00 27.93 ? 4   U   B O2    1 
ATOM   351 N N3    . U   B 2 4  ? 9.895   -2.530  0.686   1.00 25.06 ? 4   U   B N3    1 
ATOM   352 C C4    . U   B 2 4  ? 9.051   -2.214  -0.355  1.00 25.36 ? 4   U   B C4    1 
ATOM   353 O O4    . U   B 2 4  ? 9.057   -1.063  -0.806  1.00 26.83 ? 4   U   B O4    1 
ATOM   354 C C5    . U   B 2 4  ? 8.212   -3.297  -0.794  1.00 24.91 ? 4   U   B C5    1 
ATOM   355 C C6    . U   B 2 4  ? 8.299   -4.492  -0.189  1.00 27.79 ? 4   U   B C6    1 
ATOM   356 P P     . G   B 2 5  ? 5.636   -5.963  4.566   1.00 29.53 ? 5   G   B P     1 
ATOM   357 O OP1   . G   B 2 5  ? 4.992   -6.665  5.704   1.00 31.11 ? 5   G   B OP1   1 
ATOM   358 O OP2   . G   B 2 5  ? 4.790   -5.348  3.527   1.00 29.54 ? 5   G   B OP2   1 
ATOM   359 O "O5'" . G   B 2 5  ? 6.524   -4.767  5.121   1.00 27.40 ? 5   G   B "O5'" 1 
ATOM   360 C "C5'" . G   B 2 5  ? 7.501   -4.972  6.120   1.00 25.81 ? 5   G   B "C5'" 1 
ATOM   361 C "C4'" . G   B 2 5  ? 8.200   -3.675  6.424   1.00 26.39 ? 5   G   B "C4'" 1 
ATOM   362 O "O4'" . G   B 2 5  ? 8.958   -3.250  5.263   1.00 25.82 ? 5   G   B "O4'" 1 
ATOM   363 C "C3'" . G   B 2 5  ? 7.295   -2.491  6.700   1.00 23.76 ? 5   G   B "C3'" 1 
ATOM   364 O "O3'" . G   B 2 5  ? 6.760   -2.510  8.009   1.00 26.92 ? 5   G   B "O3'" 1 
ATOM   365 C "C2'" . G   B 2 5  ? 8.221   -1.314  6.419   1.00 23.21 ? 5   G   B "C2'" 1 
ATOM   366 O "O2'" . G   B 2 5  ? 9.167   -1.168  7.467   1.00 27.66 ? 5   G   B "O2'" 1 
ATOM   367 C "C1'" . G   B 2 5  ? 8.970   -1.835  5.197   1.00 23.68 ? 5   G   B "C1'" 1 
ATOM   368 N N9    . G   B 2 5  ? 8.318   -1.418  3.946   1.00 20.83 ? 5   G   B N9    1 
ATOM   369 C C8    . G   B 2 5  ? 7.599   -2.225  3.087   1.00 24.56 ? 5   G   B C8    1 
ATOM   370 N N7    . G   B 2 5  ? 7.124   -1.575  2.060   1.00 24.89 ? 5   G   B N7    1 
ATOM   371 C C5    . G   B 2 5  ? 7.567   -0.266  2.237   1.00 21.97 ? 5   G   B C5    1 
ATOM   372 C C6    . G   B 2 5  ? 7.371   0.890   1.441   1.00 19.48 ? 5   G   B C6    1 
ATOM   373 O O6    . G   B 2 5  ? 6.757   0.993   0.374   1.00 23.38 ? 5   G   B O6    1 
ATOM   374 N N1    . G   B 2 5  ? 7.973   2.019   1.995   1.00 18.15 ? 5   G   B N1    1 
ATOM   375 C C2    . G   B 2 5  ? 8.679   2.022   3.169   1.00 20.01 ? 5   G   B C2    1 
ATOM   376 N N2    . G   B 2 5  ? 9.192   3.204   3.554   1.00 19.98 ? 5   G   B N2    1 
ATOM   377 N N3    . G   B 2 5  ? 8.881   0.952   3.915   1.00 19.45 ? 5   G   B N3    1 
ATOM   378 C C4    . G   B 2 5  ? 8.292   -0.153  3.403   1.00 21.18 ? 5   G   B C4    1 
ATOM   379 P P     . C   B 2 6  ? 5.248   -2.039  8.283   1.00 28.38 ? 6   C   B P     1 
ATOM   380 O OP1   . C   B 2 6  ? 4.977   -2.371  9.708   1.00 31.37 ? 6   C   B OP1   1 
ATOM   381 O OP2   . C   B 2 6  ? 4.311   -2.492  7.216   1.00 28.90 ? 6   C   B OP2   1 
ATOM   382 O "O5'" . C   B 2 6  ? 5.308   -0.460  8.131   1.00 26.20 ? 6   C   B "O5'" 1 
ATOM   383 C "C5'" . C   B 2 6  ? 6.088   0.318   9.020   1.00 24.85 ? 6   C   B "C5'" 1 
ATOM   384 C "C4'" . C   B 2 6  ? 6.201   1.736   8.538   1.00 21.57 ? 6   C   B "C4'" 1 
ATOM   385 O "O4'" . C   B 2 6  ? 6.898   1.767   7.263   1.00 25.12 ? 6   C   B "O4'" 1 
ATOM   386 C "C3'" . C   B 2 6  ? 4.898   2.447   8.236   1.00 25.31 ? 6   C   B "C3'" 1 
ATOM   387 O "O3'" . C   B 2 6  ? 4.189   2.884   9.378   1.00 28.10 ? 6   C   B "O3'" 1 
ATOM   388 C "C2'" . C   B 2 6  ? 5.365   3.573   7.331   1.00 23.83 ? 6   C   B "C2'" 1 
ATOM   389 O "O2'" . C   B 2 6  ? 6.015   4.575   8.091   1.00 23.44 ? 6   C   B "O2'" 1 
ATOM   390 C "C1'" . C   B 2 6  ? 6.409   2.843   6.487   1.00 23.28 ? 6   C   B "C1'" 1 
ATOM   391 N N1    . C   B 2 6  ? 5.779   2.299   5.272   1.00 21.08 ? 6   C   B N1    1 
ATOM   392 C C2    . C   B 2 6  ? 5.540   3.207   4.243   1.00 18.49 ? 6   C   B C2    1 
ATOM   393 O O2    . C   B 2 6  ? 5.915   4.375   4.405   1.00 21.94 ? 6   C   B O2    1 
ATOM   394 N N3    . C   B 2 6  ? 4.938   2.776   3.111   1.00 21.01 ? 6   C   B N3    1 
ATOM   395 C C4    . C   B 2 6  ? 4.561   1.492   3.020   1.00 20.80 ? 6   C   B C4    1 
ATOM   396 N N4    . C   B 2 6  ? 3.958   1.081   1.907   1.00 24.22 ? 6   C   B N4    1 
ATOM   397 C C5    . C   B 2 6  ? 4.773   0.559   4.069   1.00 23.45 ? 6   C   B C5    1 
ATOM   398 C C6    . C   B 2 6  ? 5.375   0.999   5.179   1.00 23.23 ? 6   C   B C6    1 
ATOM   399 P P     . A   B 2 7  ? 2.584   2.892   9.326   1.00 32.76 ? 7   A   B P     1 
ATOM   400 O OP1   . A   B 2 7  ? 2.098   3.277   10.676  1.00 35.54 ? 7   A   B OP1   1 
ATOM   401 O OP2   . A   B 2 7  ? 2.134   1.626   8.708   1.00 31.62 ? 7   A   B OP2   1 
ATOM   402 O "O5'" . A   B 2 7  ? 2.233   4.052   8.294   1.00 27.21 ? 7   A   B "O5'" 1 
ATOM   403 C "C5'" . A   B 2 7  ? 2.577   5.394   8.584   1.00 27.17 ? 7   A   B "C5'" 1 
ATOM   404 C "C4'" . A   B 2 7  ? 2.400   6.292   7.388   1.00 25.94 ? 7   A   B "C4'" 1 
ATOM   405 O "O4'" . A   B 2 7  ? 3.130   5.775   6.239   1.00 26.74 ? 7   A   B "O4'" 1 
ATOM   406 C "C3'" . A   B 2 7  ? 0.994   6.457   6.855   1.00 28.11 ? 7   A   B "C3'" 1 
ATOM   407 O "O3'" . A   B 2 7  ? 0.193   7.309   7.649   1.00 31.04 ? 7   A   B "O3'" 1 
ATOM   408 C "C2'" . A   B 2 7  ? 1.256   7.001   5.462   1.00 25.25 ? 7   A   B "C2'" 1 
ATOM   409 O "O2'" . A   B 2 7  ? 1.678   8.349   5.541   1.00 27.53 ? 7   A   B "O2'" 1 
ATOM   410 C "C1'" . A   B 2 7  ? 2.459   6.154   5.056   1.00 24.50 ? 7   A   B "C1'" 1 
ATOM   411 N N9    . A   B 2 7  ? 2.022   4.944   4.339   1.00 22.83 ? 7   A   B N9    1 
ATOM   412 C C8    . A   B 2 7  ? 1.993   3.645   4.765   1.00 23.31 ? 7   A   B C8    1 
ATOM   413 N N7    . A   B 2 7  ? 1.524   2.810   3.864   1.00 26.06 ? 7   A   B N7    1 
ATOM   414 C C5    . A   B 2 7  ? 1.216   3.637   2.786   1.00 23.33 ? 7   A   B C5    1 
ATOM   415 C C6    . A   B 2 7  ? 0.690   3.362   1.514   1.00 26.33 ? 7   A   B C6    1 
ATOM   416 N N6    . A   B 2 7  ? 0.350   2.123   1.119   1.00 26.79 ? 7   A   B N6    1 
ATOM   417 N N1    . A   B 2 7  ? 0.512   4.412   0.674   1.00 26.56 ? 7   A   B N1    1 
ATOM   418 C C2    . A   B 2 7  ? 0.855   5.642   1.106   1.00 22.41 ? 7   A   B C2    1 
ATOM   419 N N3    . A   B 2 7  ? 1.362   6.028   2.282   1.00 20.34 ? 7   A   B N3    1 
ATOM   420 C C4    . A   B 2 7  ? 1.520   4.953   3.070   1.00 23.32 ? 7   A   B C4    1 
ATOM   421 P P     . G   B 2 8  ? -1.412  7.197   7.595   1.00 31.55 ? 8   G   B P     1 
ATOM   422 O OP1   . G   B 2 8  ? -1.912  7.984   8.747   1.00 32.19 ? 8   G   B OP1   1 
ATOM   423 O OP2   . G   B 2 8  ? -1.805  5.777   7.439   1.00 28.69 ? 8   G   B OP2   1 
ATOM   424 O "O5'" . G   B 2 8  ? -1.801  7.965   6.256   1.00 30.12 ? 8   G   B "O5'" 1 
ATOM   425 C "C5'" . G   B 2 8  ? -1.478  9.338   6.084   1.00 29.70 ? 8   G   B "C5'" 1 
ATOM   426 C "C4'" . G   B 2 8  ? -1.870  9.821   4.711   1.00 28.52 ? 8   G   B "C4'" 1 
ATOM   427 O "O4'" . G   B 2 8  ? -1.130  9.087   3.702   1.00 26.50 ? 8   G   B "O4'" 1 
ATOM   428 C "C3'" . G   B 2 8  ? -3.321  9.599   4.322   1.00 28.52 ? 8   G   B "C3'" 1 
ATOM   429 O "O3'" . G   B 2 8  ? -4.201  10.559  4.866   1.00 31.04 ? 8   G   B "O3'" 1 
ATOM   430 C "C2'" . G   B 2 8  ? -3.256  9.620   2.803   1.00 28.94 ? 8   G   B "C2'" 1 
ATOM   431 O "O2'" . G   B 2 8  ? -3.103  10.954  2.326   1.00 29.80 ? 8   G   B "O2'" 1 
ATOM   432 C "C1'" . G   B 2 8  ? -1.947  8.885   2.565   1.00 27.70 ? 8   G   B "C1'" 1 
ATOM   433 N N9    . G   B 2 8  ? -2.135  7.436   2.365   1.00 24.26 ? 8   G   B N9    1 
ATOM   434 C C8    . G   B 2 8  ? -1.796  6.411   3.214   1.00 24.03 ? 8   G   B C8    1 
ATOM   435 N N7    . G   B 2 8  ? -2.063  5.227   2.730   1.00 25.46 ? 8   G   B N7    1 
ATOM   436 C C5    . G   B 2 8  ? -2.604  5.491   1.480   1.00 23.36 ? 8   G   B C5    1 
ATOM   437 C C6    . G   B 2 8  ? -3.087  4.607   0.478   1.00 22.68 ? 8   G   B C6    1 
ATOM   438 O O6    . G   B 2 8  ? -3.115  3.370   0.496   1.00 24.24 ? 8   G   B O6    1 
ATOM   439 N N1    . G   B 2 8  ? -3.565  5.301   -0.637  1.00 20.92 ? 8   G   B N1    1 
ATOM   440 C C2    . G   B 2 8  ? -3.577  6.668   -0.769  1.00 19.51 ? 8   G   B C2    1 
ATOM   441 N N2    . G   B 2 8  ? -4.079  7.138   -1.918  1.00 22.21 ? 8   G   B N2    1 
ATOM   442 N N3    . G   B 2 8  ? -3.129  7.506   0.154   1.00 22.05 ? 8   G   B N3    1 
ATOM   443 C C4    . G   B 2 8  ? -2.664  6.851   1.246   1.00 22.82 ? 8   G   B C4    1 
ATOM   444 P P     . C   B 2 9  ? -5.727  10.161  5.160   1.00 30.05 ? 9   C   B P     1 
ATOM   445 O OP1   . C   B 2 9  ? -6.326  11.267  5.952   1.00 34.78 ? 9   C   B OP1   1 
ATOM   446 O OP2   . C   B 2 9  ? -5.794  8.787   5.687   1.00 30.22 ? 9   C   B OP2   1 
ATOM   447 O "O5'" . C   B 2 9  ? -6.397  10.117  3.716   1.00 29.18 ? 9   C   B "O5'" 1 
ATOM   448 C "C5'" . C   B 2 9  ? -6.319  11.221  2.832   1.00 28.51 ? 9   C   B "C5'" 1 
ATOM   449 C "C4'" . C   B 2 9  ? -7.020  10.901  1.542   1.00 28.24 ? 9   C   B "C4'" 1 
ATOM   450 O "O4'" . C   B 2 9  ? -6.236  9.964   0.762   1.00 27.39 ? 9   C   B "O4'" 1 
ATOM   451 C "C3'" . C   B 2 9  ? -8.360  10.212  1.697   1.00 25.51 ? 9   C   B "C3'" 1 
ATOM   452 O "O3'" . C   B 2 9  ? -9.392  11.115  2.020   1.00 28.46 ? 9   C   B "O3'" 1 
ATOM   453 C "C2'" . C   B 2 9  ? -8.534  9.531   0.347   1.00 24.60 ? 9   C   B "C2'" 1 
ATOM   454 O "O2'" . C   B 2 9  ? -8.921  10.480  -0.638  1.00 25.36 ? 9   C   B "O2'" 1 
ATOM   455 C "C1'" . C   B 2 9  ? -7.099  9.089   0.054   1.00 23.82 ? 9   C   B "C1'" 1 
ATOM   456 N N1    . C   B 2 9  ? -6.833  7.711   0.513   1.00 20.30 ? 9   C   B N1    1 
ATOM   457 C C2    . C   B 2 9  ? -7.159  6.641   -0.323  1.00 18.18 ? 9   C   B C2    1 
ATOM   458 O O2    . C   B 2 9  ? -7.688  6.856   -1.424  1.00 20.02 ? 9   C   B O2    1 
ATOM   459 N N3    . C   B 2 9  ? -6.898  5.380   0.075   1.00 18.98 ? 9   C   B N3    1 
ATOM   460 C C4    . C   B 2 9  ? -6.318  5.174   1.262   1.00 18.54 ? 9   C   B C4    1 
ATOM   461 N N4    . C   B 2 9  ? -6.100  3.902   1.603   1.00 19.74 ? 9   C   B N4    1 
ATOM   462 C C5    . C   B 2 9  ? -5.975  6.238   2.144   1.00 22.23 ? 9   C   B C5    1 
ATOM   463 C C6    . C   B 2 9  ? -6.239  7.486   1.735   1.00 21.71 ? 9   C   B C6    1 
ATOM   464 P P     . U   B 2 10 ? -10.688 10.585  2.791   1.00 26.25 ? 10  U   B P     1 
ATOM   465 O OP1   . U   B 2 10 ? -11.545 11.760  3.106   1.00 31.79 ? 10  U   B OP1   1 
ATOM   466 O OP2   . U   B 2 10 ? -10.297 9.663   3.887   1.00 29.98 ? 10  U   B OP2   1 
ATOM   467 O "O5'" . U   B 2 10 ? -11.426 9.712   1.691   1.00 27.17 ? 10  U   B "O5'" 1 
ATOM   468 C "C5'" . U   B 2 10 ? -12.000 8.463   2.011   1.00 23.55 ? 10  U   B "C5'" 1 
ATOM   469 C "C4'" . U   B 2 10 ? -12.139 7.622   0.775   1.00 21.63 ? 10  U   B "C4'" 1 
ATOM   470 O "O4'" . U   B 2 10 ? -10.837 7.086   0.405   1.00 20.92 ? 10  U   B "O4'" 1 
ATOM   471 C "C3'" . U   B 2 10 ? -13.013 6.391   0.907   1.00 21.73 ? 10  U   B "C3'" 1 
ATOM   472 O "O3'" . U   B 2 10 ? -14.387 6.686   0.781   1.00 21.47 ? 10  U   B "O3'" 1 
ATOM   473 C "C2'" . U   B 2 10 ? -12.489 5.495   -0.200  1.00 20.82 ? 10  U   B "C2'" 1 
ATOM   474 O "O2'" . U   B 2 10 ? -12.967 5.941   -1.456  1.00 20.17 ? 10  U   B "O2'" 1 
ATOM   475 C "C1'" . U   B 2 10 ? -10.992 5.787   -0.130  1.00 18.53 ? 10  U   B "C1'" 1 
ATOM   476 N N1    . U   B 2 10 ? -10.289 4.836   0.766   1.00 22.18 ? 10  U   B N1    1 
ATOM   477 C C2    . U   B 2 10 ? -10.141 3.529   0.336   1.00 20.00 ? 10  U   B C2    1 
ATOM   478 O O2    . U   B 2 10 ? -10.559 3.141   -0.729  1.00 19.92 ? 10  U   B O2    1 
ATOM   479 N N3    . U   B 2 10 ? -9.493  2.676   1.207   1.00 20.90 ? 10  U   B N3    1 
ATOM   480 C C4    . U   B 2 10 ? -8.992  3.008   2.439   1.00 23.54 ? 10  U   B C4    1 
ATOM   481 O O4    . U   B 2 10 ? -8.426  2.138   3.104   1.00 25.65 ? 10  U   B O4    1 
ATOM   482 C C5    . U   B 2 10 ? -9.178  4.379   2.814   1.00 22.35 ? 10  U   B C5    1 
ATOM   483 C C6    . U   B 2 10 ? -9.811  5.230   1.988   1.00 20.09 ? 10  U   B C6    1 
ATOM   484 P P     . G   B 2 11 ? -15.446 5.891   1.677   1.00 21.56 ? 11  G   B P     1 
ATOM   485 O OP1   . G   B 2 11 ? -16.729 6.617   1.533   1.00 27.46 ? 11  G   B OP1   1 
ATOM   486 O OP2   . G   B 2 11 ? -14.847 5.688   3.018   1.00 25.05 ? 11  G   B OP2   1 
ATOM   487 O "O5'" . G   B 2 11 ? -15.598 4.487   0.957   1.00 26.88 ? 11  G   B "O5'" 1 
ATOM   488 C "C5'" . G   B 2 11 ? -16.077 4.417   -0.374  1.00 22.40 ? 11  G   B "C5'" 1 
ATOM   489 C "C4'" . G   B 2 11 ? -15.967 3.020   -0.919  1.00 23.40 ? 11  G   B "C4'" 1 
ATOM   490 O "O4'" . G   B 2 11 ? -14.568 2.653   -1.062  1.00 22.76 ? 11  G   B "O4'" 1 
ATOM   491 C "C3'" . G   B 2 11 ? -16.539 1.924   -0.041  1.00 24.20 ? 11  G   B "C3'" 1 
ATOM   492 O "O3'" . G   B 2 11 ? -17.944 1.829   -0.134  1.00 22.77 ? 11  G   B "O3'" 1 
ATOM   493 C "C2'" . G   B 2 11 ? -15.806 0.700   -0.557  1.00 22.00 ? 11  G   B "C2'" 1 
ATOM   494 O "O2'" . G   B 2 11 ? -16.322 0.315   -1.822  1.00 24.47 ? 11  G   B "O2'" 1 
ATOM   495 C "C1'" . G   B 2 11 ? -14.413 1.277   -0.778  1.00 23.39 ? 11  G   B "C1'" 1 
ATOM   496 N N9    . G   B 2 11 ? -13.563 1.148   0.421   1.00 23.34 ? 11  G   B N9    1 
ATOM   497 C C8    . G   B 2 11 ? -13.176 2.125   1.305   1.00 22.66 ? 11  G   B C8    1 
ATOM   498 N N7    . G   B 2 11 ? -12.390 1.657   2.249   1.00 24.88 ? 11  G   B N7    1 
ATOM   499 C C5    . G   B 2 11 ? -12.257 0.302   1.957   1.00 23.30 ? 11  G   B C5    1 
ATOM   500 C C6    . G   B 2 11 ? -11.538 -0.742  2.608   1.00 22.40 ? 11  G   B C6    1 
ATOM   501 O O6    . G   B 2 11 ? -10.833 -0.680  3.626   1.00 27.80 ? 11  G   B O6    1 
ATOM   502 N N1    . G   B 2 11 ? -11.702 -1.962  1.957   1.00 24.80 ? 11  G   B N1    1 
ATOM   503 C C2    . G   B 2 11 ? -12.454 -2.176  0.829   1.00 21.91 ? 11  G   B C2    1 
ATOM   504 N N2    . G   B 2 11 ? -12.494 -3.420  0.333   1.00 27.22 ? 11  G   B N2    1 
ATOM   505 N N3    . G   B 2 11 ? -13.126 -1.218  0.220   1.00 22.05 ? 11  G   B N3    1 
ATOM   506 C C4    . G   B 2 11 ? -12.982 -0.028  0.838   1.00 20.40 ? 11  G   B C4    1 
ATOM   507 P P     . A   B 2 12 ? -18.799 1.250   1.087   1.00 23.49 ? 12  A   B P     1 
ATOM   508 O OP1   . A   B 2 12 ? -20.245 1.444   0.802   1.00 26.51 ? 12  A   B OP1   1 
ATOM   509 O OP2   . A   B 2 12 ? -18.266 1.784   2.362   1.00 26.49 ? 12  A   B OP2   1 
ATOM   510 O "O5'" . A   B 2 12 ? -18.480 -0.307  1.067   1.00 19.84 ? 12  A   B "O5'" 1 
ATOM   511 C "C5'" . A   B 2 12 ? -18.936 -1.132  0.008   1.00 19.55 ? 12  A   B "C5'" 1 
ATOM   512 C "C4'" . A   B 2 12 ? -18.503 -2.559  0.215   1.00 21.00 ? 12  A   B "C4'" 1 
ATOM   513 O "O4'" . A   B 2 12 ? -17.063 -2.669  0.087   1.00 22.02 ? 12  A   B "O4'" 1 
ATOM   514 C "C3'" . A   B 2 12 ? -18.780 -3.146  1.587   1.00 20.53 ? 12  A   B "C3'" 1 
ATOM   515 O "O3'" . A   B 2 12 ? -20.117 -3.534  1.765   1.00 20.92 ? 12  A   B "O3'" 1 
ATOM   516 C "C2'" . A   B 2 12 ? -17.800 -4.300  1.634   1.00 21.35 ? 12  A   B "C2'" 1 
ATOM   517 O "O2'" . A   B 2 12 ? -18.253 -5.358  0.798   1.00 22.22 ? 12  A   B "O2'" 1 
ATOM   518 C "C1'" . A   B 2 12 ? -16.577 -3.643  0.994   1.00 21.92 ? 12  A   B "C1'" 1 
ATOM   519 N N9    . A   B 2 12 ? -15.796 -2.951  2.031   1.00 21.47 ? 12  A   B N9    1 
ATOM   520 C C8    . A   B 2 12 ? -15.824 -1.611  2.362   1.00 22.59 ? 12  A   B C8    1 
ATOM   521 N N7    . A   B 2 12 ? -15.043 -1.302  3.367   1.00 23.80 ? 12  A   B N7    1 
ATOM   522 C C5    . A   B 2 12 ? -14.485 -2.522  3.738   1.00 23.03 ? 12  A   B C5    1 
ATOM   523 C C6    . A   B 2 12 ? -13.570 -2.878  4.746   1.00 25.15 ? 12  A   B C6    1 
ATOM   524 N N6    . A   B 2 12 ? -13.041 -2.006  5.600   1.00 24.59 ? 12  A   B N6    1 
ATOM   525 N N1    . A   B 2 12 ? -13.222 -4.179  4.846   1.00 25.58 ? 12  A   B N1    1 
ATOM   526 C C2    . A   B 2 12 ? -13.746 -5.057  3.988   1.00 24.65 ? 12  A   B C2    1 
ATOM   527 N N3    . A   B 2 12 ? -14.607 -4.844  2.997   1.00 23.70 ? 12  A   B N3    1 
ATOM   528 C C4    . A   B 2 12 ? -14.943 -3.544  2.929   1.00 22.42 ? 12  A   B C4    1 
ATOM   529 P P     . A   B 2 13 ? -20.801 -3.392  3.211   1.00 20.28 ? 13  A   B P     1 
ATOM   530 O OP1   . A   B 2 13 ? -22.242 -3.616  2.952   1.00 21.06 ? 13  A   B OP1   1 
ATOM   531 O OP2   . A   B 2 13 ? -20.353 -2.146  3.886   1.00 22.18 ? 13  A   B OP2   1 
ATOM   532 O "O5'" . A   B 2 13 ? -20.210 -4.609  4.045   1.00 23.55 ? 13  A   B "O5'" 1 
ATOM   533 C "C5'" . A   B 2 13 ? -20.368 -5.942  3.604   1.00 20.43 ? 13  A   B "C5'" 1 
ATOM   534 C "C4'" . A   B 2 13 ? -19.398 -6.857  4.297   1.00 21.19 ? 13  A   B "C4'" 1 
ATOM   535 O "O4'" . A   B 2 13 ? -18.057 -6.314  4.180   1.00 21.78 ? 13  A   B "O4'" 1 
ATOM   536 C "C3'" . A   B 2 13 ? -19.599 -7.012  5.795   1.00 20.19 ? 13  A   B "C3'" 1 
ATOM   537 O "O3'" . A   B 2 13 ? -20.618 -7.947  6.121   1.00 23.08 ? 13  A   B "O3'" 1 
ATOM   538 C "C2'" . A   B 2 13 ? -18.213 -7.417  6.283   1.00 20.93 ? 13  A   B "C2'" 1 
ATOM   539 O "O2'" . A   B 2 13 ? -17.986 -8.807  6.070   1.00 25.40 ? 13  A   B "O2'" 1 
ATOM   540 C "C1'" . A   B 2 13 ? -17.308 -6.627  5.334   1.00 24.84 ? 13  A   B "C1'" 1 
ATOM   541 N N9    . A   B 2 13 ? -16.835 -5.367  5.931   1.00 22.69 ? 13  A   B N9    1 
ATOM   542 C C8    . A   B 2 13 ? -17.287 -4.091  5.681   1.00 24.40 ? 13  A   B C8    1 
ATOM   543 N N7    . A   B 2 13 ? -16.670 -3.162  6.370   1.00 28.53 ? 13  A   B N7    1 
ATOM   544 C C5    . A   B 2 13 ? -15.749 -3.874  7.123   1.00 25.91 ? 13  A   B C5    1 
ATOM   545 C C6    . A   B 2 13 ? -14.792 -3.464  8.063   1.00 25.33 ? 13  A   B C6    1 
ATOM   546 N N6    . A   B 2 13 ? -14.592 -2.187  8.413   1.00 25.63 ? 13  A   B N6    1 
ATOM   547 N N1    . A   B 2 13 ? -14.051 -4.438  8.641   1.00 23.43 ? 13  A   B N1    1 
ATOM   548 C C2    . A   B 2 13 ? -14.244 -5.716  8.293   1.00 24.51 ? 13  A   B C2    1 
ATOM   549 N N3    . A   B 2 13 ? -15.113 -6.223  7.413   1.00 26.39 ? 13  A   B N3    1 
ATOM   550 C C4    . A   B 2 13 ? -15.839 -5.232  6.864   1.00 27.64 ? 13  A   B C4    1 
HETATM 551 O O     . HOH C 3 .  ? -12.535 -1.166  -4.024  1.00 43.81 ? 101 HOH A O     1 
HETATM 552 O O     . HOH C 3 .  ? 6.672   8.563   -7.064  1.00 38.70 ? 102 HOH A O     1 
HETATM 553 O O     . HOH C 3 .  ? 11.430  -0.501  1.890   1.00 25.03 ? 103 HOH A O     1 
HETATM 554 O O     . HOH C 3 .  ? 7.818   1.884   -5.338  1.00 38.31 ? 104 HOH A O     1 
HETATM 555 O O     . HOH C 3 .  ? -4.083  -1.896  -4.974  1.00 37.06 ? 105 HOH A O     1 
HETATM 556 O O     . HOH C 3 .  ? -10.752 -0.617  15.946  1.00 38.19 ? 106 HOH A O     1 
HETATM 557 O O     . HOH C 3 .  ? 9.978   6.938   -3.548  1.00 29.35 ? 107 HOH A O     1 
HETATM 558 O O     . HOH C 3 .  ? 5.593   3.158   -3.627  1.00 29.48 ? 108 HOH A O     1 
HETATM 559 O O     . HOH C 3 .  ? 13.863  -8.460  -2.590  1.00 31.41 ? 109 HOH A O     1 
HETATM 560 O O     . HOH C 3 .  ? 15.818  5.522   2.897   1.00 26.07 ? 110 HOH A O     1 
HETATM 561 O O     . HOH C 3 .  ? 22.038  -3.396  -6.240  1.00 35.38 ? 111 HOH A O     1 
HETATM 562 O O     . HOH C 3 .  ? 14.311  -3.555  2.043   1.00 28.98 ? 112 HOH A O     1 
HETATM 563 O O     . HOH C 3 .  ? -9.157  0.611   -10.311 1.00 29.81 ? 113 HOH A O     1 
HETATM 564 O O     . HOH C 3 .  ? -6.493  -8.962  13.615  1.00 29.04 ? 114 HOH A O     1 
HETATM 565 O O     . HOH C 3 .  ? -5.263  8.372   -5.802  1.00 24.44 ? 115 HOH A O     1 
HETATM 566 O O     . HOH C 3 .  ? -5.645  -4.938  7.111   1.00 36.66 ? 116 HOH A O     1 
HETATM 567 O O     . HOH C 3 .  ? -10.368 -9.850  11.739  1.00 34.31 ? 117 HOH A O     1 
HETATM 568 O O     . HOH C 3 .  ? -5.119  6.907   -10.213 1.00 30.35 ? 118 HOH A O     1 
HETATM 569 O O     . HOH C 3 .  ? 15.077  10.919  0.237   1.00 56.09 ? 119 HOH A O     1 
HETATM 570 O O     . HOH C 3 .  ? 13.178  2.881   -3.309  1.00 31.62 ? 120 HOH A O     1 
HETATM 571 O O     . HOH C 3 .  ? 19.052  -1.632  -4.751  1.00 29.53 ? 121 HOH A O     1 
HETATM 572 O O     . HOH C 3 .  ? 8.225   6.763   4.560   1.00 22.29 ? 122 HOH A O     1 
HETATM 573 O O     . HOH C 3 .  ? 16.202  -0.146  -3.778  1.00 28.63 ? 123 HOH A O     1 
HETATM 574 O O     . HOH C 3 .  ? -1.872  0.570   -7.264  1.00 33.97 ? 124 HOH A O     1 
HETATM 575 O O     . HOH C 3 .  ? -0.751  9.382   -1.337  1.00 30.39 ? 125 HOH A O     1 
HETATM 576 O O     . HOH C 3 .  ? 3.215   1.748   -2.689  1.00 34.35 ? 126 HOH A O     1 
HETATM 577 O O     . HOH C 3 .  ? -9.901  -0.371  8.034   1.00 36.41 ? 127 HOH A O     1 
HETATM 578 O O     . HOH C 3 .  ? 5.327   13.162  -2.024  1.00 35.18 ? 128 HOH A O     1 
HETATM 579 O O     . HOH C 3 .  ? 1.969   4.419   -4.750  1.00 36.42 ? 129 HOH A O     1 
HETATM 580 O O     . HOH C 3 .  ? 13.290  -0.031  -6.375  1.00 36.09 ? 130 HOH A O     1 
HETATM 581 O O     . HOH C 3 .  ? -3.280  -6.657  13.536  1.00 31.29 ? 131 HOH A O     1 
HETATM 582 O O     . HOH C 3 .  ? 5.400   6.370   -4.805  1.00 36.97 ? 132 HOH A O     1 
HETATM 583 O O     . HOH C 3 .  ? 22.580  -5.020  -1.153  1.00 22.85 ? 133 HOH A O     1 
HETATM 584 O O     . HOH C 3 .  ? -12.376 -8.742  9.804   1.00 32.36 ? 134 HOH A O     1 
HETATM 585 O O     . HOH C 3 .  ? 0.486   11.559  -3.316  1.00 47.60 ? 135 HOH A O     1 
HETATM 586 O O     . HOH C 3 .  ? 4.405   10.716  1.887   1.00 32.31 ? 136 HOH A O     1 
HETATM 587 O O     . HOH C 3 .  ? -5.106  0.065   1.634   1.00 46.68 ? 137 HOH A O     1 
HETATM 588 O O     . HOH C 3 .  ? 8.511   9.458   4.162   1.00 24.71 ? 138 HOH A O     1 
HETATM 589 O O     . HOH C 3 .  ? -13.114 0.784   11.640  1.00 40.19 ? 139 HOH A O     1 
HETATM 590 O O     . HOH C 3 .  ? -6.553  -4.993  1.572   1.00 38.16 ? 140 HOH A O     1 
HETATM 591 O O     . HOH C 3 .  ? -3.217  10.118  -4.708  1.00 29.47 ? 141 HOH A O     1 
HETATM 592 O O     . HOH C 3 .  ? 10.837  10.908  -5.251  1.00 40.25 ? 142 HOH A O     1 
HETATM 593 O O     . HOH C 3 .  ? -6.566  -2.550  6.289   1.00 37.98 ? 143 HOH A O     1 
HETATM 594 O O     . HOH C 3 .  ? 5.967   9.079   3.338   1.00 29.20 ? 144 HOH A O     1 
HETATM 595 O O     . HOH C 3 .  ? -2.771  -1.147  -2.203  1.00 37.45 ? 145 HOH A O     1 
HETATM 596 O O     . HOH C 3 .  ? 22.374  0.139   -3.032  1.00 37.35 ? 146 HOH A O     1 
HETATM 597 O O     . HOH C 3 .  ? 20.689  -0.043  2.197   1.00 37.35 ? 147 HOH A O     1 
HETATM 598 O O     . HOH C 3 .  ? 1.166   2.465   -6.695  1.00 40.58 ? 148 HOH A O     1 
HETATM 599 O O     . HOH C 3 .  ? 12.492  6.214   -5.081  1.00 45.23 ? 149 HOH A O     1 
HETATM 600 O O     . HOH C 3 .  ? -7.499  -0.908  7.598   1.00 37.10 ? 150 HOH A O     1 
HETATM 601 O O     . HOH C 3 .  ? -11.256 -2.501  -8.510  1.00 44.11 ? 151 HOH A O     1 
HETATM 602 O O     . HOH C 3 .  ? -8.896  -11.884 10.638  1.00 42.09 ? 152 HOH A O     1 
HETATM 603 O O     . HOH C 3 .  ? 2.233   1.467   -4.647  1.00 45.46 ? 153 HOH A O     1 
HETATM 604 O O     . HOH C 3 .  ? 13.849  -10.475 -5.049  1.00 39.35 ? 154 HOH A O     1 
HETATM 605 O O     . HOH C 3 .  ? -13.840 -9.714  11.116  1.00 56.14 ? 155 HOH A O     1 
HETATM 606 O O     . HOH C 3 .  ? 8.468   4.151   -6.217  1.00 53.52 ? 156 HOH A O     1 
HETATM 607 O O     . HOH C 3 .  ? 11.323  3.204   -6.503  1.00 47.49 ? 157 HOH A O     1 
HETATM 608 O O     . HOH D 3 .  ? 9.508   -0.405  -17.043 1.00 30.00 ? 101 HOH B O     1 
HETATM 609 O O     . HOH D 3 .  ? 5.436   -11.267 -0.345  1.00 40.67 ? 102 HOH B O     1 
HETATM 610 O O     . HOH D 3 .  ? 3.987   -3.094  4.313   1.00 33.05 ? 103 HOH B O     1 
HETATM 611 O O     . HOH D 3 .  ? 5.566   -11.700 -8.260  1.00 40.48 ? 104 HOH B O     1 
HETATM 612 O O     . HOH D 3 .  ? -11.278 1.106   -2.071  1.00 25.52 ? 105 HOH B O     1 
HETATM 613 O O     . HOH D 3 .  ? -2.501  3.770   8.964   1.00 38.98 ? 106 HOH B O     1 
HETATM 614 O O     . HOH D 3 .  ? 9.021   -1.653  10.047  1.00 30.96 ? 107 HOH B O     1 
HETATM 615 O O     . HOH D 3 .  ? -18.486 4.144   3.506   1.00 38.54 ? 108 HOH B O     1 
HETATM 616 O O     . HOH D 3 .  ? -14.568 -6.891  1.334   1.00 29.94 ? 109 HOH B O     1 
HETATM 617 O O     . HOH D 3 .  ? 5.954   4.927   10.729  1.00 30.75 ? 110 HOH B O     1 
HETATM 618 O O     . HOH D 3 .  ? -15.955 1.498   3.667   1.00 29.85 ? 111 HOH B O     1 
HETATM 619 O O     . HOH D 3 .  ? -15.394 0.186   7.482   1.00 38.26 ? 112 HOH B O     1 
HETATM 620 O O     . HOH D 3 .  ? 9.407   -9.380  -12.985 1.00 33.26 ? 113 HOH B O     1 
HETATM 621 O O     . HOH D 3 .  ? -3.053  11.459  -0.306  1.00 36.23 ? 114 HOH B O     1 
HETATM 622 O O     . HOH D 3 .  ? -21.330 -7.759  8.700   1.00 27.04 ? 115 HOH B O     1 
HETATM 623 O O     . HOH D 3 .  ? 6.374   6.806   6.638   1.00 23.20 ? 116 HOH B O     1 
HETATM 624 O O     . HOH D 3 .  ? -12.890 13.083  1.173   1.00 35.20 ? 117 HOH B O     1 
HETATM 625 O O     . HOH D 3 .  ? -0.242  8.738   10.736  1.00 39.38 ? 118 HOH B O     1 
HETATM 626 O O     . HOH D 3 .  ? -7.113  8.210   -3.694  1.00 23.17 ? 119 HOH B O     1 
HETATM 627 O O     . HOH D 3 .  ? -14.813 7.822   -2.155  1.00 25.74 ? 120 HOH B O     1 
HETATM 628 O O     . HOH D 3 .  ? -16.949 8.335   -0.577  1.00 32.85 ? 121 HOH B O     1 
HETATM 629 O O     . HOH D 3 .  ? 2.101   -0.457  6.942   1.00 31.85 ? 122 HOH B O     1 
HETATM 630 O O     . HOH D 3 .  ? -13.061 0.693   6.045   1.00 34.26 ? 123 HOH B O     1 
HETATM 631 O O     . HOH D 3 .  ? -18.830 0.083   4.479   1.00 29.20 ? 124 HOH B O     1 
HETATM 632 O O     . HOH D 3 .  ? -22.790 -2.300  0.546   1.00 22.76 ? 125 HOH B O     1 
HETATM 633 O O     . HOH D 3 .  ? 10.036  -0.553  -8.318  1.00 38.32 ? 126 HOH B O     1 
HETATM 634 O O     . HOH D 3 .  ? -4.896  3.470   4.116   1.00 27.78 ? 127 HOH B O     1 
HETATM 635 O O     . HOH D 3 .  ? -9.902  13.666  4.383   1.00 48.41 ? 128 HOH B O     1 
HETATM 636 O O     . HOH D 3 .  ? 5.257   -4.636  -7.881  1.00 30.02 ? 129 HOH B O     1 
HETATM 637 O O     . HOH D 3 .  ? 10.373  -11.298 -6.661  1.00 39.11 ? 130 HOH B O     1 
HETATM 638 O O     . HOH D 3 .  ? -9.076  7.140   4.307   1.00 36.97 ? 131 HOH B O     1 
HETATM 639 O O     . HOH D 3 .  ? -15.570 3.729   4.977   1.00 37.21 ? 132 HOH B O     1 
HETATM 640 O O     . HOH D 3 .  ? -14.319 -1.600  -2.594  1.00 29.56 ? 133 HOH B O     1 
HETATM 641 O O     . HOH D 3 .  ? -14.914 -9.085  7.179   1.00 43.42 ? 134 HOH B O     1 
HETATM 642 O O     . HOH D 3 .  ? -6.816  -0.319  3.216   1.00 37.69 ? 135 HOH B O     1 
HETATM 643 O O     . HOH D 3 .  ? 4.564   8.884   5.736   1.00 27.43 ? 136 HOH B O     1 
HETATM 644 O O     . HOH D 3 .  ? 11.432  -8.863  -11.183 1.00 33.48 ? 137 HOH B O     1 
HETATM 645 O O     . HOH D 3 .  ? 6.946   -2.241  -7.240  1.00 31.81 ? 138 HOH B O     1 
HETATM 646 O O     . HOH D 3 .  ? -7.109  10.741  -2.985  1.00 27.71 ? 139 HOH B O     1 
HETATM 647 O O     . HOH D 3 .  ? -12.067 3.201   4.796   1.00 31.72 ? 140 HOH B O     1 
HETATM 648 O O     . HOH D 3 .  ? 2.224   8.912   2.220   1.00 29.94 ? 141 HOH B O     1 
HETATM 649 O O     . HOH D 3 .  ? 6.508   -0.439  -2.365  1.00 51.19 ? 142 HOH B O     1 
HETATM 650 O O     . HOH D 3 .  ? -3.542  13.681  3.649   1.00 39.74 ? 143 HOH B O     1 
HETATM 651 O O     . HOH D 3 .  ? -4.628  10.188  -2.192  1.00 28.81 ? 144 HOH B O     1 
HETATM 652 O O     . HOH D 3 .  ? -4.418  5.998   5.529   1.00 35.74 ? 145 HOH B O     1 
HETATM 653 O O     . HOH D 3 .  ? 2.757   -1.849  2.060   1.00 34.30 ? 146 HOH B O     1 
HETATM 654 O O     . HOH D 3 .  ? 13.389  -3.431  4.279   1.00 45.26 ? 147 HOH B O     1 
HETATM 655 O O     . HOH D 3 .  ? -20.498 2.727   -2.294  1.00 30.52 ? 148 HOH B O     1 
HETATM 656 O O     . HOH D 3 .  ? -1.183  13.355  4.067   1.00 45.45 ? 149 HOH B O     1 
HETATM 657 O O     . HOH D 3 .  ? -11.456 6.681   5.511   1.00 38.46 ? 150 HOH B O     1 
HETATM 658 O O     . HOH D 3 .  ? 10.966  -4.890  7.894   1.00 35.13 ? 151 HOH B O     1 
HETATM 659 O O     . HOH D 3 .  ? -15.001 -9.396  3.777   1.00 34.55 ? 152 HOH B O     1 
HETATM 660 O O     . HOH D 3 .  ? 7.174   -11.352 -12.432 1.00 40.34 ? 153 HOH B O     1 
HETATM 661 O O     . HOH D 3 .  ? -15.074 4.493   6.967   1.00 43.77 ? 154 HOH B O     1 
HETATM 662 O O     . HOH D 3 .  ? -1.615  13.350  -1.101  1.00 46.05 ? 155 HOH B O     1 
HETATM 663 O O     . HOH D 3 .  ? 11.940  -12.269 -3.103  1.00 41.09 ? 156 HOH B O     1 
# 
loop_
_pdbx_poly_seq_scheme.asym_id 
_pdbx_poly_seq_scheme.entity_id 
_pdbx_poly_seq_scheme.seq_id 
_pdbx_poly_seq_scheme.mon_id 
_pdbx_poly_seq_scheme.ndb_seq_num 
_pdbx_poly_seq_scheme.pdb_seq_num 
_pdbx_poly_seq_scheme.auth_seq_num 
_pdbx_poly_seq_scheme.pdb_mon_id 
_pdbx_poly_seq_scheme.auth_mon_id 
_pdbx_poly_seq_scheme.pdb_strand_id 
_pdbx_poly_seq_scheme.pdb_ins_code 
_pdbx_poly_seq_scheme.hetero 
A 1 1  U 1  1  1  U U A . n 
A 1 2  U 2  2  2  U U A . n 
A 1 3  C 3  3  3  C C A . n 
A 1 4  U 4  4  4  U U A . n 
A 1 5  G 5  5  5  G G A . n 
A 1 6  C 6  6  6  C C A . n 
A 1 7  U 7  7  7  U U A . n 
A 1 8  G 8  8  8  G G A . n 
A 1 9  C 9  9  9  C C A . n 
A 1 10 U 10 10 10 U U A . n 
A 1 11 G 11 11 11 G G A . n 
A 1 12 A 12 12 12 A A A . n 
A 1 13 A 13 13 13 A A A . n 
B 2 1  U 1  1  1  U U B . n 
B 2 2  U 2  2  2  U U B . n 
B 2 3  C 3  3  3  C C B . n 
B 2 4  U 4  4  4  U U B . n 
B 2 5  G 5  5  5  G G B . n 
B 2 6  C 6  6  6  C C B . n 
B 2 7  A 7  7  7  A A B . n 
B 2 8  G 8  8  8  G G B . n 
B 2 9  C 9  9  9  C C B . n 
B 2 10 U 10 10 10 U U B . n 
B 2 11 G 11 11 11 G G B . n 
B 2 12 A 12 12 12 A A B . n 
B 2 13 A 13 13 13 A A B . n 
# 
_pdbx_contact_author.id                 2 
_pdbx_contact_author.email              mhho@nchu.edu.tw 
_pdbx_contact_author.name_first         Ming-Hon 
_pdbx_contact_author.name_last          Hou 
_pdbx_contact_author.name_mi            ? 
_pdbx_contact_author.role               'principal investigator/group leader' 
_pdbx_contact_author.identifier_ORCID   0000-0003-4170-1527 
# 
loop_
_pdbx_nonpoly_scheme.asym_id 
_pdbx_nonpoly_scheme.entity_id 
_pdbx_nonpoly_scheme.mon_id 
_pdbx_nonpoly_scheme.ndb_seq_num 
_pdbx_nonpoly_scheme.pdb_seq_num 
_pdbx_nonpoly_scheme.auth_seq_num 
_pdbx_nonpoly_scheme.pdb_mon_id 
_pdbx_nonpoly_scheme.auth_mon_id 
_pdbx_nonpoly_scheme.pdb_strand_id 
_pdbx_nonpoly_scheme.pdb_ins_code 
C 3 HOH 1  101 111 HOH HOH A . 
C 3 HOH 2  102 78  HOH HOH A . 
C 3 HOH 3  103 53  HOH HOH A . 
C 3 HOH 4  104 42  HOH HOH A . 
C 3 HOH 5  105 30  HOH HOH A . 
C 3 HOH 6  106 17  HOH HOH A . 
C 3 HOH 7  107 49  HOH HOH A . 
C 3 HOH 8  108 23  HOH HOH A . 
C 3 HOH 9  109 46  HOH HOH A . 
C 3 HOH 10 110 14  HOH HOH A . 
C 3 HOH 11 111 89  HOH HOH A . 
C 3 HOH 12 112 15  HOH HOH A . 
C 3 HOH 13 113 28  HOH HOH A . 
C 3 HOH 14 114 5   HOH HOH A . 
C 3 HOH 15 115 7   HOH HOH A . 
C 3 HOH 16 116 31  HOH HOH A . 
C 3 HOH 17 117 37  HOH HOH A . 
C 3 HOH 18 118 21  HOH HOH A . 
C 3 HOH 19 119 84  HOH HOH A . 
C 3 HOH 20 120 56  HOH HOH A . 
C 3 HOH 21 121 13  HOH HOH A . 
C 3 HOH 22 122 2   HOH HOH A . 
C 3 HOH 23 123 16  HOH HOH A . 
C 3 HOH 24 124 61  HOH HOH A . 
C 3 HOH 25 125 60  HOH HOH A . 
C 3 HOH 26 126 87  HOH HOH A . 
C 3 HOH 27 127 32  HOH HOH A . 
C 3 HOH 28 128 33  HOH HOH A . 
C 3 HOH 29 129 88  HOH HOH A . 
C 3 HOH 30 130 47  HOH HOH A . 
C 3 HOH 31 131 40  HOH HOH A . 
C 3 HOH 32 132 34  HOH HOH A . 
C 3 HOH 33 133 4   HOH HOH A . 
C 3 HOH 34 134 29  HOH HOH A . 
C 3 HOH 35 135 112 HOH HOH A . 
C 3 HOH 36 136 64  HOH HOH A . 
C 3 HOH 37 137 101 HOH HOH A . 
C 3 HOH 38 138 8   HOH HOH A . 
C 3 HOH 39 139 99  HOH HOH A . 
C 3 HOH 40 140 81  HOH HOH A . 
C 3 HOH 41 141 55  HOH HOH A . 
C 3 HOH 42 142 77  HOH HOH A . 
C 3 HOH 43 143 102 HOH HOH A . 
C 3 HOH 44 144 25  HOH HOH A . 
C 3 HOH 45 145 50  HOH HOH A . 
C 3 HOH 46 146 91  HOH HOH A . 
C 3 HOH 47 147 65  HOH HOH A . 
C 3 HOH 48 148 76  HOH HOH A . 
C 3 HOH 49 149 90  HOH HOH A . 
C 3 HOH 50 150 106 HOH HOH A . 
C 3 HOH 51 151 103 HOH HOH A . 
C 3 HOH 52 152 71  HOH HOH A . 
C 3 HOH 53 153 73  HOH HOH A . 
C 3 HOH 54 154 95  HOH HOH A . 
C 3 HOH 55 155 79  HOH HOH A . 
C 3 HOH 56 156 92  HOH HOH A . 
C 3 HOH 57 157 97  HOH HOH A . 
D 3 HOH 1  101 114 HOH HOH B . 
D 3 HOH 2  102 66  HOH HOH B . 
D 3 HOH 3  103 43  HOH HOH B . 
D 3 HOH 4  104 82  HOH HOH B . 
D 3 HOH 5  105 19  HOH HOH B . 
D 3 HOH 6  106 68  HOH HOH B . 
D 3 HOH 7  107 24  HOH HOH B . 
D 3 HOH 8  108 80  HOH HOH B . 
D 3 HOH 9  109 59  HOH HOH B . 
D 3 HOH 10 110 38  HOH HOH B . 
D 3 HOH 11 111 22  HOH HOH B . 
D 3 HOH 12 112 86  HOH HOH B . 
D 3 HOH 13 113 35  HOH HOH B . 
D 3 HOH 14 114 39  HOH HOH B . 
D 3 HOH 15 115 1   HOH HOH B . 
D 3 HOH 16 116 11  HOH HOH B . 
D 3 HOH 17 117 75  HOH HOH B . 
D 3 HOH 18 118 94  HOH HOH B . 
D 3 HOH 19 119 3   HOH HOH B . 
D 3 HOH 20 120 10  HOH HOH B . 
D 3 HOH 21 121 41  HOH HOH B . 
D 3 HOH 22 122 52  HOH HOH B . 
D 3 HOH 23 123 44  HOH HOH B . 
D 3 HOH 24 124 12  HOH HOH B . 
D 3 HOH 25 125 6   HOH HOH B . 
D 3 HOH 26 126 51  HOH HOH B . 
D 3 HOH 27 127 36  HOH HOH B . 
D 3 HOH 28 128 74  HOH HOH B . 
D 3 HOH 29 129 58  HOH HOH B . 
D 3 HOH 30 130 72  HOH HOH B . 
D 3 HOH 31 131 107 HOH HOH B . 
D 3 HOH 32 132 57  HOH HOH B . 
D 3 HOH 33 133 98  HOH HOH B . 
D 3 HOH 34 134 110 HOH HOH B . 
D 3 HOH 35 135 100 HOH HOH B . 
D 3 HOH 36 136 48  HOH HOH B . 
D 3 HOH 37 137 54  HOH HOH B . 
D 3 HOH 38 138 105 HOH HOH B . 
D 3 HOH 39 139 9   HOH HOH B . 
D 3 HOH 40 140 27  HOH HOH B . 
D 3 HOH 41 141 62  HOH HOH B . 
D 3 HOH 42 142 113 HOH HOH B . 
D 3 HOH 43 143 20  HOH HOH B . 
D 3 HOH 44 144 18  HOH HOH B . 
D 3 HOH 45 145 26  HOH HOH B . 
D 3 HOH 46 146 45  HOH HOH B . 
D 3 HOH 47 147 109 HOH HOH B . 
D 3 HOH 48 148 67  HOH HOH B . 
D 3 HOH 49 149 96  HOH HOH B . 
D 3 HOH 50 150 104 HOH HOH B . 
D 3 HOH 51 151 70  HOH HOH B . 
D 3 HOH 52 152 63  HOH HOH B . 
D 3 HOH 53 153 108 HOH HOH B . 
D 3 HOH 54 154 83  HOH HOH B . 
D 3 HOH 55 155 93  HOH HOH B . 
D 3 HOH 56 156 69  HOH HOH B . 
# 
_pdbx_struct_assembly.id                   1 
_pdbx_struct_assembly.details              author_and_software_defined_assembly 
_pdbx_struct_assembly.method_details       PISA 
_pdbx_struct_assembly.oligomeric_details   dimeric 
_pdbx_struct_assembly.oligomeric_count     2 
# 
_pdbx_struct_assembly_gen.assembly_id       1 
_pdbx_struct_assembly_gen.oper_expression   1 
_pdbx_struct_assembly_gen.asym_id_list      A,B,C,D 
# 
loop_
_pdbx_struct_assembly_prop.biol_id 
_pdbx_struct_assembly_prop.type 
_pdbx_struct_assembly_prop.value 
_pdbx_struct_assembly_prop.details 
1 'ABSA (A^2)' 1260 ? 
1 MORE         -9   ? 
1 'SSA (A^2)'  5010 ? 
# 
_pdbx_struct_oper_list.id                   1 
_pdbx_struct_oper_list.type                 'identity operation' 
_pdbx_struct_oper_list.name                 1_555 
_pdbx_struct_oper_list.symmetry_operation   x,y,z 
_pdbx_struct_oper_list.matrix[1][1]         1.0000000000 
_pdbx_struct_oper_list.matrix[1][2]         0.0000000000 
_pdbx_struct_oper_list.matrix[1][3]         0.0000000000 
_pdbx_struct_oper_list.vector[1]            0.0000000000 
_pdbx_struct_oper_list.matrix[2][1]         0.0000000000 
_pdbx_struct_oper_list.matrix[2][2]         1.0000000000 
_pdbx_struct_oper_list.matrix[2][3]         0.0000000000 
_pdbx_struct_oper_list.vector[2]            0.0000000000 
_pdbx_struct_oper_list.matrix[3][1]         0.0000000000 
_pdbx_struct_oper_list.matrix[3][2]         0.0000000000 
_pdbx_struct_oper_list.matrix[3][3]         1.0000000000 
_pdbx_struct_oper_list.vector[3]            0.0000000000 
# 
loop_
_pdbx_audit_revision_history.ordinal 
_pdbx_audit_revision_history.data_content_type 
_pdbx_audit_revision_history.major_revision 
_pdbx_audit_revision_history.minor_revision 
_pdbx_audit_revision_history.revision_date 
1 'Structure model' 1 0 2023-05-31 
2 'Structure model' 1 1 2023-06-07 
3 'Structure model' 1 2 2023-07-12 
4 'Structure model' 1 3 2023-11-29 
# 
_pdbx_audit_revision_details.ordinal             1 
_pdbx_audit_revision_details.revision_ordinal    1 
_pdbx_audit_revision_details.data_content_type   'Structure model' 
_pdbx_audit_revision_details.provider            repository 
_pdbx_audit_revision_details.type                'Initial release' 
_pdbx_audit_revision_details.description         ? 
_pdbx_audit_revision_details.details             ? 
# 
loop_
_pdbx_audit_revision_group.ordinal 
_pdbx_audit_revision_group.revision_ordinal 
_pdbx_audit_revision_group.data_content_type 
_pdbx_audit_revision_group.group 
1 2 'Structure model' 'Database references'    
2 3 'Structure model' 'Database references'    
3 4 'Structure model' 'Data collection'        
4 4 'Structure model' 'Refinement description' 
# 
loop_
_pdbx_audit_revision_category.ordinal 
_pdbx_audit_revision_category.revision_ordinal 
_pdbx_audit_revision_category.data_content_type 
_pdbx_audit_revision_category.category 
1 2 'Structure model' citation                      
2 2 'Structure model' citation_author               
3 3 'Structure model' citation                      
4 4 'Structure model' chem_comp_atom                
5 4 'Structure model' chem_comp_bond                
6 4 'Structure model' pdbx_initial_refinement_model 
# 
loop_
_pdbx_audit_revision_item.ordinal 
_pdbx_audit_revision_item.revision_ordinal 
_pdbx_audit_revision_item.data_content_type 
_pdbx_audit_revision_item.item 
1  2 'Structure model' '_citation.country'                 
2  2 'Structure model' '_citation.journal_abbrev'          
3  2 'Structure model' '_citation.journal_id_ASTM'         
4  2 'Structure model' '_citation.journal_id_CSD'          
5  2 'Structure model' '_citation.journal_id_ISSN'         
6  2 'Structure model' '_citation.page_first'              
7  2 'Structure model' '_citation.page_last'               
8  2 'Structure model' '_citation.pdbx_database_id_DOI'    
9  2 'Structure model' '_citation.pdbx_database_id_PubMed' 
10 2 'Structure model' '_citation.title'                   
11 2 'Structure model' '_citation.year'                    
12 3 'Structure model' '_citation.journal_volume'          
# 
loop_
_software.citation_id 
_software.classification 
_software.compiler_name 
_software.compiler_version 
_software.contact_author 
_software.contact_author_email 
_software.date 
_software.description 
_software.dependencies 
_software.hardware 
_software.language 
_software.location 
_software.mods 
_software.name 
_software.os 
_software.os_version 
_software.type 
_software.version 
_software.pdbx_ordinal 
? 'data scaling'    ? ? ? ? ? ? ? ? ? ? ? HKL-2000    ? ? ? .           1 
? refinement        ? ? ? ? ? ? ? ? ? ? ? PHENIX      ? ? ? 1.18.2_3874 2 
? 'data extraction' ? ? ? ? ? ? ? ? ? ? ? PDB_EXTRACT ? ? ? 3.27        3 
? 'data reduction'  ? ? ? ? ? ? ? ? ? ? ? HKL-2000    ? ? ? .           4 
? phasing           ? ? ? ? ? ? ? ? ? ? ? PHENIX      ? ? ? .           5 
# 
loop_
_pdbx_validate_close_contact.id 
_pdbx_validate_close_contact.PDB_model_num 
_pdbx_validate_close_contact.auth_atom_id_1 
_pdbx_validate_close_contact.auth_asym_id_1 
_pdbx_validate_close_contact.auth_comp_id_1 
_pdbx_validate_close_contact.auth_seq_id_1 
_pdbx_validate_close_contact.PDB_ins_code_1 
_pdbx_validate_close_contact.label_alt_id_1 
_pdbx_validate_close_contact.auth_atom_id_2 
_pdbx_validate_close_contact.auth_asym_id_2 
_pdbx_validate_close_contact.auth_comp_id_2 
_pdbx_validate_close_contact.auth_seq_id_2 
_pdbx_validate_close_contact.PDB_ins_code_2 
_pdbx_validate_close_contact.label_alt_id_2 
_pdbx_validate_close_contact.dist 
1 1 O B HOH 132 ? ? O B HOH 154 ? ? 2.19 
2 1 O A HOH 134 ? ? O A HOH 155 ? ? 2.19 
# 
loop_
_chem_comp_atom.comp_id 
_chem_comp_atom.atom_id 
_chem_comp_atom.type_symbol 
_chem_comp_atom.pdbx_aromatic_flag 
_chem_comp_atom.pdbx_stereo_config 
_chem_comp_atom.pdbx_ordinal 
A   OP3    O N N 1   
A   P      P N N 2   
A   OP1    O N N 3   
A   OP2    O N N 4   
A   "O5'"  O N N 5   
A   "C5'"  C N N 6   
A   "C4'"  C N R 7   
A   "O4'"  O N N 8   
A   "C3'"  C N S 9   
A   "O3'"  O N N 10  
A   "C2'"  C N R 11  
A   "O2'"  O N N 12  
A   "C1'"  C N R 13  
A   N9     N Y N 14  
A   C8     C Y N 15  
A   N7     N Y N 16  
A   C5     C Y N 17  
A   C6     C Y N 18  
A   N6     N N N 19  
A   N1     N Y N 20  
A   C2     C Y N 21  
A   N3     N Y N 22  
A   C4     C Y N 23  
A   HOP3   H N N 24  
A   HOP2   H N N 25  
A   "H5'"  H N N 26  
A   "H5''" H N N 27  
A   "H4'"  H N N 28  
A   "H3'"  H N N 29  
A   "HO3'" H N N 30  
A   "H2'"  H N N 31  
A   "HO2'" H N N 32  
A   "H1'"  H N N 33  
A   H8     H N N 34  
A   H61    H N N 35  
A   H62    H N N 36  
A   H2     H N N 37  
C   OP3    O N N 38  
C   P      P N N 39  
C   OP1    O N N 40  
C   OP2    O N N 41  
C   "O5'"  O N N 42  
C   "C5'"  C N N 43  
C   "C4'"  C N R 44  
C   "O4'"  O N N 45  
C   "C3'"  C N S 46  
C   "O3'"  O N N 47  
C   "C2'"  C N R 48  
C   "O2'"  O N N 49  
C   "C1'"  C N R 50  
C   N1     N N N 51  
C   C2     C N N 52  
C   O2     O N N 53  
C   N3     N N N 54  
C   C4     C N N 55  
C   N4     N N N 56  
C   C5     C N N 57  
C   C6     C N N 58  
C   HOP3   H N N 59  
C   HOP2   H N N 60  
C   "H5'"  H N N 61  
C   "H5''" H N N 62  
C   "H4'"  H N N 63  
C   "H3'"  H N N 64  
C   "HO3'" H N N 65  
C   "H2'"  H N N 66  
C   "HO2'" H N N 67  
C   "H1'"  H N N 68  
C   H41    H N N 69  
C   H42    H N N 70  
C   H5     H N N 71  
C   H6     H N N 72  
G   OP3    O N N 73  
G   P      P N N 74  
G   OP1    O N N 75  
G   OP2    O N N 76  
G   "O5'"  O N N 77  
G   "C5'"  C N N 78  
G   "C4'"  C N R 79  
G   "O4'"  O N N 80  
G   "C3'"  C N S 81  
G   "O3'"  O N N 82  
G   "C2'"  C N R 83  
G   "O2'"  O N N 84  
G   "C1'"  C N R 85  
G   N9     N Y N 86  
G   C8     C Y N 87  
G   N7     N Y N 88  
G   C5     C Y N 89  
G   C6     C N N 90  
G   O6     O N N 91  
G   N1     N N N 92  
G   C2     C N N 93  
G   N2     N N N 94  
G   N3     N N N 95  
G   C4     C Y N 96  
G   HOP3   H N N 97  
G   HOP2   H N N 98  
G   "H5'"  H N N 99  
G   "H5''" H N N 100 
G   "H4'"  H N N 101 
G   "H3'"  H N N 102 
G   "HO3'" H N N 103 
G   "H2'"  H N N 104 
G   "HO2'" H N N 105 
G   "H1'"  H N N 106 
G   H8     H N N 107 
G   H1     H N N 108 
G   H21    H N N 109 
G   H22    H N N 110 
HOH O      O N N 111 
HOH H1     H N N 112 
HOH H2     H N N 113 
U   OP3    O N N 114 
U   P      P N N 115 
U   OP1    O N N 116 
U   OP2    O N N 117 
U   "O5'"  O N N 118 
U   "C5'"  C N N 119 
U   "C4'"  C N R 120 
U   "O4'"  O N N 121 
U   "C3'"  C N S 122 
U   "O3'"  O N N 123 
U   "C2'"  C N R 124 
U   "O2'"  O N N 125 
U   "C1'"  C N R 126 
U   N1     N N N 127 
U   C2     C N N 128 
U   O2     O N N 129 
U   N3     N N N 130 
U   C4     C N N 131 
U   O4     O N N 132 
U   C5     C N N 133 
U   C6     C N N 134 
U   HOP3   H N N 135 
U   HOP2   H N N 136 
U   "H5'"  H N N 137 
U   "H5''" H N N 138 
U   "H4'"  H N N 139 
U   "H3'"  H N N 140 
U   "HO3'" H N N 141 
U   "H2'"  H N N 142 
U   "HO2'" H N N 143 
U   "H1'"  H N N 144 
U   H3     H N N 145 
U   H5     H N N 146 
U   H6     H N N 147 
# 
loop_
_chem_comp_bond.comp_id 
_chem_comp_bond.atom_id_1 
_chem_comp_bond.atom_id_2 
_chem_comp_bond.value_order 
_chem_comp_bond.pdbx_aromatic_flag 
_chem_comp_bond.pdbx_stereo_config 
_chem_comp_bond.pdbx_ordinal 
A   OP3   P      sing N N 1   
A   OP3   HOP3   sing N N 2   
A   P     OP1    doub N N 3   
A   P     OP2    sing N N 4   
A   P     "O5'"  sing N N 5   
A   OP2   HOP2   sing N N 6   
A   "O5'" "C5'"  sing N N 7   
A   "C5'" "C4'"  sing N N 8   
A   "C5'" "H5'"  sing N N 9   
A   "C5'" "H5''" sing N N 10  
A   "C4'" "O4'"  sing N N 11  
A   "C4'" "C3'"  sing N N 12  
A   "C4'" "H4'"  sing N N 13  
A   "O4'" "C1'"  sing N N 14  
A   "C3'" "O3'"  sing N N 15  
A   "C3'" "C2'"  sing N N 16  
A   "C3'" "H3'"  sing N N 17  
A   "O3'" "HO3'" sing N N 18  
A   "C2'" "O2'"  sing N N 19  
A   "C2'" "C1'"  sing N N 20  
A   "C2'" "H2'"  sing N N 21  
A   "O2'" "HO2'" sing N N 22  
A   "C1'" N9     sing N N 23  
A   "C1'" "H1'"  sing N N 24  
A   N9    C8     sing Y N 25  
A   N9    C4     sing Y N 26  
A   C8    N7     doub Y N 27  
A   C8    H8     sing N N 28  
A   N7    C5     sing Y N 29  
A   C5    C6     sing Y N 30  
A   C5    C4     doub Y N 31  
A   C6    N6     sing N N 32  
A   C6    N1     doub Y N 33  
A   N6    H61    sing N N 34  
A   N6    H62    sing N N 35  
A   N1    C2     sing Y N 36  
A   C2    N3     doub Y N 37  
A   C2    H2     sing N N 38  
A   N3    C4     sing Y N 39  
C   OP3   P      sing N N 40  
C   OP3   HOP3   sing N N 41  
C   P     OP1    doub N N 42  
C   P     OP2    sing N N 43  
C   P     "O5'"  sing N N 44  
C   OP2   HOP2   sing N N 45  
C   "O5'" "C5'"  sing N N 46  
C   "C5'" "C4'"  sing N N 47  
C   "C5'" "H5'"  sing N N 48  
C   "C5'" "H5''" sing N N 49  
C   "C4'" "O4'"  sing N N 50  
C   "C4'" "C3'"  sing N N 51  
C   "C4'" "H4'"  sing N N 52  
C   "O4'" "C1'"  sing N N 53  
C   "C3'" "O3'"  sing N N 54  
C   "C3'" "C2'"  sing N N 55  
C   "C3'" "H3'"  sing N N 56  
C   "O3'" "HO3'" sing N N 57  
C   "C2'" "O2'"  sing N N 58  
C   "C2'" "C1'"  sing N N 59  
C   "C2'" "H2'"  sing N N 60  
C   "O2'" "HO2'" sing N N 61  
C   "C1'" N1     sing N N 62  
C   "C1'" "H1'"  sing N N 63  
C   N1    C2     sing N N 64  
C   N1    C6     sing N N 65  
C   C2    O2     doub N N 66  
C   C2    N3     sing N N 67  
C   N3    C4     doub N N 68  
C   C4    N4     sing N N 69  
C   C4    C5     sing N N 70  
C   N4    H41    sing N N 71  
C   N4    H42    sing N N 72  
C   C5    C6     doub N N 73  
C   C5    H5     sing N N 74  
C   C6    H6     sing N N 75  
G   OP3   P      sing N N 76  
G   OP3   HOP3   sing N N 77  
G   P     OP1    doub N N 78  
G   P     OP2    sing N N 79  
G   P     "O5'"  sing N N 80  
G   OP2   HOP2   sing N N 81  
G   "O5'" "C5'"  sing N N 82  
G   "C5'" "C4'"  sing N N 83  
G   "C5'" "H5'"  sing N N 84  
G   "C5'" "H5''" sing N N 85  
G   "C4'" "O4'"  sing N N 86  
G   "C4'" "C3'"  sing N N 87  
G   "C4'" "H4'"  sing N N 88  
G   "O4'" "C1'"  sing N N 89  
G   "C3'" "O3'"  sing N N 90  
G   "C3'" "C2'"  sing N N 91  
G   "C3'" "H3'"  sing N N 92  
G   "O3'" "HO3'" sing N N 93  
G   "C2'" "O2'"  sing N N 94  
G   "C2'" "C1'"  sing N N 95  
G   "C2'" "H2'"  sing N N 96  
G   "O2'" "HO2'" sing N N 97  
G   "C1'" N9     sing N N 98  
G   "C1'" "H1'"  sing N N 99  
G   N9    C8     sing Y N 100 
G   N9    C4     sing Y N 101 
G   C8    N7     doub Y N 102 
G   C8    H8     sing N N 103 
G   N7    C5     sing Y N 104 
G   C5    C6     sing N N 105 
G   C5    C4     doub Y N 106 
G   C6    O6     doub N N 107 
G   C6    N1     sing N N 108 
G   N1    C2     sing N N 109 
G   N1    H1     sing N N 110 
G   C2    N2     sing N N 111 
G   C2    N3     doub N N 112 
G   N2    H21    sing N N 113 
G   N2    H22    sing N N 114 
G   N3    C4     sing N N 115 
HOH O     H1     sing N N 116 
HOH O     H2     sing N N 117 
U   OP3   P      sing N N 118 
U   OP3   HOP3   sing N N 119 
U   P     OP1    doub N N 120 
U   P     OP2    sing N N 121 
U   P     "O5'"  sing N N 122 
U   OP2   HOP2   sing N N 123 
U   "O5'" "C5'"  sing N N 124 
U   "C5'" "C4'"  sing N N 125 
U   "C5'" "H5'"  sing N N 126 
U   "C5'" "H5''" sing N N 127 
U   "C4'" "O4'"  sing N N 128 
U   "C4'" "C3'"  sing N N 129 
U   "C4'" "H4'"  sing N N 130 
U   "O4'" "C1'"  sing N N 131 
U   "C3'" "O3'"  sing N N 132 
U   "C3'" "C2'"  sing N N 133 
U   "C3'" "H3'"  sing N N 134 
U   "O3'" "HO3'" sing N N 135 
U   "C2'" "O2'"  sing N N 136 
U   "C2'" "C1'"  sing N N 137 
U   "C2'" "H2'"  sing N N 138 
U   "O2'" "HO2'" sing N N 139 
U   "C1'" N1     sing N N 140 
U   "C1'" "H1'"  sing N N 141 
U   N1    C2     sing N N 142 
U   N1    C6     sing N N 143 
U   C2    O2     doub N N 144 
U   C2    N3     sing N N 145 
U   N3    C4     sing N N 146 
U   N3    H3     sing N N 147 
U   C4    O4     doub N N 148 
U   C4    C5     sing N N 149 
U   C5    C6     doub N N 150 
U   C5    H5     sing N N 151 
U   C6    H6     sing N N 152 
# 
_ndb_struct_conf_na.entry_id   7Y2P 
_ndb_struct_conf_na.feature    'a-form double helix' 
# 
loop_
_ndb_struct_na_base_pair.model_number 
_ndb_struct_na_base_pair.i_label_asym_id 
_ndb_struct_na_base_pair.i_label_comp_id 
_ndb_struct_na_base_pair.i_label_seq_id 
_ndb_struct_na_base_pair.i_symmetry 
_ndb_struct_na_base_pair.j_label_asym_id 
_ndb_struct_na_base_pair.j_label_comp_id 
_ndb_struct_na_base_pair.j_label_seq_id 
_ndb_struct_na_base_pair.j_symmetry 
_ndb_struct_na_base_pair.shear 
_ndb_struct_na_base_pair.stretch 
_ndb_struct_na_base_pair.stagger 
_ndb_struct_na_base_pair.buckle 
_ndb_struct_na_base_pair.propeller 
_ndb_struct_na_base_pair.opening 
_ndb_struct_na_base_pair.pair_number 
_ndb_struct_na_base_pair.pair_name 
_ndb_struct_na_base_pair.i_auth_asym_id 
_ndb_struct_na_base_pair.i_auth_seq_id 
_ndb_struct_na_base_pair.i_PDB_ins_code 
_ndb_struct_na_base_pair.j_auth_asym_id 
_ndb_struct_na_base_pair.j_auth_seq_id 
_ndb_struct_na_base_pair.j_PDB_ins_code 
_ndb_struct_na_base_pair.hbond_type_28 
_ndb_struct_na_base_pair.hbond_type_12 
1 A U 1  1_555 B A 13 1_555 -0.184 -0.086 0.080  -1.887 -6.010  -2.112  1  A_U1:A13_B A 1  ? B 13 ? 20 1 
1 A U 2  1_555 B A 12 1_555 -0.003 -0.101 -0.078 5.452  -3.179  -2.849  2  A_U2:A12_B A 2  ? B 12 ? 20 1 
1 A C 3  1_555 B G 11 1_555 0.286  -0.261 -0.064 5.694  -7.074  -3.078  3  A_C3:G11_B A 3  ? B 11 ? 19 1 
1 A U 4  1_555 B U 10 1_555 -2.844 -1.267 -0.244 4.310  -13.341 -29.085 4  A_U4:U10_B A 4  ? B 10 ? ?  ? 
1 A G 5  1_555 B C 9  1_555 -0.172 -0.155 0.253  3.446  -7.066  -2.354  5  A_G5:C9_B  A 5  ? B 9  ? 19 1 
1 A C 6  1_555 B G 8  1_555 0.199  -0.180 -0.035 7.896  -10.561 0.729   6  A_C6:G8_B  A 6  ? B 8  ? 19 1 
1 A U 7  1_555 B A 7  1_555 -0.183 -0.319 0.161  0.374  -10.674 3.609   7  A_U7:A7_B  A 7  ? B 7  ? 20 1 
1 A G 8  1_555 B C 6  1_555 -0.124 -0.204 0.042  -6.588 -11.208 0.431   8  A_G8:C6_B  A 8  ? B 6  ? 19 1 
1 A C 9  1_555 B G 5  1_555 0.133  -0.162 0.237  -3.338 -6.821  -3.077  9  A_C9:G5_B  A 9  ? B 5  ? 19 1 
1 A U 10 1_555 B U 4  1_555 2.745  -1.179 -0.183 -4.231 -12.986 -25.983 10 A_U10:U4_B A 10 ? B 4  ? ?  ? 
1 A G 11 1_555 B C 3  1_555 -0.345 -0.211 -0.236 -7.086 -5.622  -0.847  11 A_G11:C3_B A 11 ? B 3  ? 19 1 
1 A A 12 1_555 B U 2  1_555 0.068  -0.086 -0.071 -4.801 -2.997  -2.608  12 A_A12:U2_B A 12 ? B 2  ? 20 1 
1 A A 13 1_555 B U 1  1_555 0.183  -0.076 0.011  0.523  -5.428  -0.953  13 A_A13:U1_B A 13 ? B 1  ? 20 1 
# 
loop_
_ndb_struct_na_base_pair_step.model_number 
_ndb_struct_na_base_pair_step.i_label_asym_id_1 
_ndb_struct_na_base_pair_step.i_label_comp_id_1 
_ndb_struct_na_base_pair_step.i_label_seq_id_1 
_ndb_struct_na_base_pair_step.i_symmetry_1 
_ndb_struct_na_base_pair_step.j_label_asym_id_1 
_ndb_struct_na_base_pair_step.j_label_comp_id_1 
_ndb_struct_na_base_pair_step.j_label_seq_id_1 
_ndb_struct_na_base_pair_step.j_symmetry_1 
_ndb_struct_na_base_pair_step.i_label_asym_id_2 
_ndb_struct_na_base_pair_step.i_label_comp_id_2 
_ndb_struct_na_base_pair_step.i_label_seq_id_2 
_ndb_struct_na_base_pair_step.i_symmetry_2 
_ndb_struct_na_base_pair_step.j_label_asym_id_2 
_ndb_struct_na_base_pair_step.j_label_comp_id_2 
_ndb_struct_na_base_pair_step.j_label_seq_id_2 
_ndb_struct_na_base_pair_step.j_symmetry_2 
_ndb_struct_na_base_pair_step.shift 
_ndb_struct_na_base_pair_step.slide 
_ndb_struct_na_base_pair_step.rise 
_ndb_struct_na_base_pair_step.tilt 
_ndb_struct_na_base_pair_step.roll 
_ndb_struct_na_base_pair_step.twist 
_ndb_struct_na_base_pair_step.x_displacement 
_ndb_struct_na_base_pair_step.y_displacement 
_ndb_struct_na_base_pair_step.helical_rise 
_ndb_struct_na_base_pair_step.inclination 
_ndb_struct_na_base_pair_step.tip 
_ndb_struct_na_base_pair_step.helical_twist 
_ndb_struct_na_base_pair_step.step_number 
_ndb_struct_na_base_pair_step.step_name 
_ndb_struct_na_base_pair_step.i_auth_asym_id_1 
_ndb_struct_na_base_pair_step.i_auth_seq_id_1 
_ndb_struct_na_base_pair_step.i_PDB_ins_code_1 
_ndb_struct_na_base_pair_step.j_auth_asym_id_1 
_ndb_struct_na_base_pair_step.j_auth_seq_id_1 
_ndb_struct_na_base_pair_step.j_PDB_ins_code_1 
_ndb_struct_na_base_pair_step.i_auth_asym_id_2 
_ndb_struct_na_base_pair_step.i_auth_seq_id_2 
_ndb_struct_na_base_pair_step.i_PDB_ins_code_2 
_ndb_struct_na_base_pair_step.j_auth_asym_id_2 
_ndb_struct_na_base_pair_step.j_auth_seq_id_2 
_ndb_struct_na_base_pair_step.j_PDB_ins_code_2 
1 A U 1  1_555 B A 13 1_555 A U 2  1_555 B A 12 1_555 -0.606 -1.788 3.065 -1.990 6.870 30.191 -4.514 0.795  2.637 12.962 3.754   
31.007 1  AA_U1U2:A12A13_BB A 1  ? B 13 ? A 2  ? B 12 ? 
1 A U 2  1_555 B A 12 1_555 A C 3  1_555 B G 11 1_555 0.282  -1.484 3.329 0.153  4.096 34.084 -3.151 -0.454 3.136 6.957  -0.260  
34.322 2  AA_U2C3:G11A12_BB A 2  ? B 12 ? A 3  ? B 11 ? 
1 A C 3  1_555 B G 11 1_555 A U 4  1_555 B U 10 1_555 -0.886 -2.453 3.249 0.150  7.584 18.920 -9.831 2.562  2.109 21.963 -0.434  
20.371 3  AA_C3U4:U10G11_BB A 3  ? B 11 ? A 4  ? B 10 ? 
1 A U 4  1_555 B U 10 1_555 A G 5  1_555 B C 9  1_555 0.423  -2.183 3.289 -7.190 6.756 39.746 -3.822 -1.348 2.782 9.756  10.382  
40.904 4  AA_U4G5:C9U10_BB  A 4  ? B 10 ? A 5  ? B 9  ? 
1 A G 5  1_555 B C 9  1_555 A C 6  1_555 B G 8  1_555 0.480  -1.642 3.128 2.208  4.628 34.764 -3.364 -0.489 2.917 7.694  -3.670  
35.128 5  AA_G5C6:G8C9_BB   A 5  ? B 9  ? A 6  ? B 8  ? 
1 A C 6  1_555 B G 8  1_555 A U 7  1_555 B A 7  1_555 1.006  -2.376 3.342 0.605  6.970 26.758 -6.555 -1.968 2.670 14.742 -1.280  
27.642 6  AA_C6U7:A7G8_BB   A 6  ? B 8  ? A 7  ? B 7  ? 
1 A U 7  1_555 B A 7  1_555 A G 8  1_555 B C 6  1_555 -0.843 -2.096 3.364 -0.982 5.402 30.638 -4.917 1.387  2.984 10.121 1.840   
31.115 7  AA_U7G8:C6A7_BB   A 7  ? B 7  ? A 8  ? B 6  ? 
1 A G 8  1_555 B C 6  1_555 A C 9  1_555 B G 5  1_555 -0.495 -1.700 3.167 -1.627 5.182 34.153 -3.608 0.598  2.905 8.755  2.748   
34.570 8  AA_G8C9:G5C6_BB   A 8  ? B 6  ? A 9  ? B 5  ? 
1 A C 9  1_555 B G 5  1_555 A U 10 1_555 B U 4  1_555 -0.267 -2.139 3.255 7.142  7.254 39.046 -3.868 1.139  2.743 10.634 -10.471 
40.301 9  AA_C9U10:U4G5_BB  A 9  ? B 5  ? A 10 ? B 4  ? 
1 A U 10 1_555 B U 4  1_555 A G 11 1_555 B C 3  1_555 0.912  -2.391 3.350 1.249  5.750 19.620 -9.103 -2.048 2.602 16.402 -3.563  
20.475 10 AA_U10G11:C3U4_BB A 10 ? B 4  ? A 11 ? B 3  ? 
1 A G 11 1_555 B C 3  1_555 A A 12 1_555 B U 2  1_555 -0.247 -1.437 3.257 -0.704 5.806 34.591 -3.222 0.309  2.988 9.679  1.173   
35.067 11 AA_G11A12:U2C3_BB A 11 ? B 3  ? A 12 ? B 2  ? 
1 A A 12 1_555 B U 2  1_555 A A 13 1_555 B U 1  1_555 0.660  -1.774 3.122 2.577  7.391 30.214 -4.565 -0.786 2.669 13.889 -4.843  
31.189 12 AA_A12A13:U1U2_BB A 12 ? B 2  ? A 13 ? B 1  ? 
# 
loop_
_pdbx_audit_support.funding_organization 
_pdbx_audit_support.country 
_pdbx_audit_support.grant_number 
_pdbx_audit_support.ordinal 
'Ministry of Science and Technology (MoST, Taiwan)' Taiwan 109-2628-M-005-001-MY4 1 
'Ministry of Science and Technology (MoST, Taiwan)' Taiwan 109-2311-B-005-007-MY3 2 
# 
_pdbx_entity_nonpoly.entity_id   3 
_pdbx_entity_nonpoly.name        water 
_pdbx_entity_nonpoly.comp_id     HOH 
# 
_pdbx_initial_refinement_model.id               1 
_pdbx_initial_refinement_model.entity_id_list   ? 
_pdbx_initial_refinement_model.type             'experimental model' 
_pdbx_initial_refinement_model.source_name      PDB 
_pdbx_initial_refinement_model.accession_code   7Y2B 
_pdbx_initial_refinement_model.details          ? 
# 
_pdbx_struct_assembly_auth_evidence.id                     1 
_pdbx_struct_assembly_auth_evidence.assembly_id            1 
_pdbx_struct_assembly_auth_evidence.experimental_support   none 
_pdbx_struct_assembly_auth_evidence.details                ? 
# 
